data_5TVX
#
_entry.id   5TVX
#
_cell.length_a   178.491
_cell.length_b   96.820
_cell.length_c   125.780
_cell.angle_alpha   90.00
_cell.angle_beta   134.18
_cell.angle_gamma   90.00
#
_symmetry.space_group_name_H-M   'C 1 2 1'
#
loop_
_entity.id
_entity.type
_entity.pdbx_description
1 polymer 'TNF receptor-associated protein 1'
2 non-polymer "ADENOSINE-5'-DIPHOSPHATE"
3 water water
#
_entity_poly.entity_id   1
_entity_poly.type   'polypeptide(L)'
_entity_poly.pdbx_seq_one_letter_code
;GIDPFTSTQQHTEPAEEETLHNIITDTENVQGSFSKHEFQAETKKLLDIVARSLYSEKEVFIRELISNGSDALEKLRHRM
ITAGGDTAPMEIHLQTDSVKGTFTIQDTGVGMNKEDLVSNLGTIARSGSKAFLDALQNQAEASSSIIGQFGVGFYSAFMV
ADKVEVYSQSAEADAPGYKWSSDGSGVFEVAEASGVRQGTKIVLHLKDDCKEFSSEDRVKEVVTKYSNFVSFPIFLNGRR
LNTLQALWMMEPKDISEWQHEEFYRYVAQAYDKPRYTLHYRADAPLNIRSIFYVPEMKPSMFDVSREMGSSVALYSRKIL
IQTKATDILPKWLRFLRGVVDSEDIPLNLSRELLQESALIRKLRDVLQQRVIRFLLDQSKKDPEKYARFFEDYGLFMREG
IVTTGEQSVKEDIAKLLRFESSALPAGQQTSLMEYSSRMKAGTRNIYYLCAPNRHLAEHSPYFEAMKQKDMEVLFCFEQF
DELTLLHLREFDRKKLISAETDIVVDHYKEEKFQDSKPASERLSSEQAEDLLAWMRNALVQRVTNIKVTPRLDTHPAMIT
VLEMGAARHFLRTQQLARSSEERAQILQPTLEINTGHDLIKKLHALKDSNPELAQLLLEQIYDNAMIAAGLNEDPRPMIS
RLNQLLTRALEKH
;
_entity_poly.pdbx_strand_id   B,A
#
# COMPACT_ATOMS: atom_id res chain seq x y z
N THR A 19 0.94 42.13 -19.48
CA THR A 19 1.60 40.83 -19.33
C THR A 19 0.64 39.81 -18.70
N LEU A 20 -0.47 40.32 -18.14
CA LEU A 20 -1.46 39.51 -17.47
C LEU A 20 -2.83 39.69 -18.13
N HIS A 21 -3.66 38.65 -18.05
CA HIS A 21 -5.00 38.65 -18.64
C HIS A 21 -6.02 38.45 -17.54
N ASN A 22 -6.68 39.52 -17.13
CA ASN A 22 -7.70 39.45 -16.11
C ASN A 22 -8.95 40.15 -16.61
N ILE A 23 -10.11 39.57 -16.27
CA ILE A 23 -11.40 40.18 -16.59
C ILE A 23 -12.22 40.47 -15.36
N ILE A 24 -11.79 40.05 -14.18
CA ILE A 24 -12.54 40.25 -12.95
C ILE A 24 -12.25 41.67 -12.44
N THR A 25 -13.27 42.51 -12.43
CA THR A 25 -13.14 43.87 -11.95
C THR A 25 -14.30 44.16 -11.01
N ASP A 26 -14.04 44.95 -9.98
CA ASP A 26 -15.13 45.39 -9.12
C ASP A 26 -15.98 46.41 -9.88
N THR A 27 -16.94 45.92 -10.66
CA THR A 27 -17.75 46.79 -11.51
C THR A 27 -19.23 46.81 -11.16
N GLU A 28 -19.74 45.77 -10.49
CA GLU A 28 -21.18 45.60 -10.36
C GLU A 28 -21.75 46.49 -9.27
N ASN A 29 -23.00 46.92 -9.48
CA ASN A 29 -23.72 47.73 -8.52
C ASN A 29 -25.20 47.38 -8.59
N VAL A 30 -25.83 47.30 -7.42
CA VAL A 30 -27.23 46.92 -7.35
C VAL A 30 -28.11 48.06 -7.79
N GLN A 31 -29.11 47.74 -8.62
CA GLN A 31 -30.13 48.67 -9.06
C GLN A 31 -31.44 48.35 -8.35
N GLY A 32 -32.02 49.37 -7.72
CA GLY A 32 -33.35 49.21 -7.13
C GLY A 32 -33.37 48.24 -5.96
N SER A 33 -34.53 47.64 -5.75
CA SER A 33 -34.76 46.79 -4.59
C SER A 33 -34.42 45.34 -4.91
N PHE A 34 -34.61 44.48 -3.90
CA PHE A 34 -34.35 43.05 -4.00
C PHE A 34 -35.56 42.28 -3.50
N SER A 35 -35.85 41.17 -4.17
CA SER A 35 -36.84 40.22 -3.66
C SER A 35 -36.16 39.23 -2.72
N LYS A 36 -36.88 38.85 -1.67
CA LYS A 36 -36.43 37.80 -0.77
C LYS A 36 -37.03 36.48 -1.23
N HIS A 37 -36.28 35.40 -1.06
CA HIS A 37 -36.73 34.08 -1.50
C HIS A 37 -36.30 33.03 -0.50
N GLU A 38 -36.97 31.89 -0.54
CA GLU A 38 -36.57 30.72 0.24
C GLU A 38 -36.08 29.62 -0.69
N PHE A 39 -35.03 28.94 -0.27
CA PHE A 39 -34.58 27.76 -0.99
C PHE A 39 -35.69 26.72 -1.05
N GLN A 40 -35.81 26.07 -2.19
CA GLN A 40 -36.75 24.98 -2.39
C GLN A 40 -35.98 23.69 -2.60
N ALA A 41 -36.70 22.62 -2.93
CA ALA A 41 -36.09 21.31 -3.14
C ALA A 41 -36.90 20.53 -4.18
N GLU A 42 -36.21 19.78 -5.02
CA GLU A 42 -36.87 18.98 -6.04
C GLU A 42 -37.02 17.56 -5.48
N THR A 43 -38.11 17.34 -4.73
CA THR A 43 -38.18 16.20 -3.81
C THR A 43 -38.14 14.86 -4.53
N LYS A 44 -38.82 14.76 -5.68
CA LYS A 44 -38.76 13.52 -6.46
C LYS A 44 -37.33 13.14 -6.80
N LYS A 45 -36.50 14.12 -7.18
CA LYS A 45 -35.13 13.83 -7.53
C LYS A 45 -34.29 13.54 -6.30
N LEU A 46 -34.58 14.21 -5.19
CA LEU A 46 -33.90 13.92 -3.92
C LEU A 46 -34.13 12.48 -3.47
N LEU A 47 -35.37 12.00 -3.57
CA LEU A 47 -35.62 10.58 -3.27
C LEU A 47 -34.73 9.70 -4.12
N ASP A 48 -34.60 10.04 -5.41
CA ASP A 48 -33.78 9.24 -6.30
C ASP A 48 -32.30 9.31 -5.91
N ILE A 49 -31.83 10.49 -5.54
CA ILE A 49 -30.43 10.62 -5.15
C ILE A 49 -30.11 9.72 -3.97
N VAL A 50 -30.94 9.77 -2.92
CA VAL A 50 -30.72 8.89 -1.77
C VAL A 50 -30.90 7.42 -2.15
N ALA A 51 -31.73 7.13 -3.17
CA ALA A 51 -32.06 5.76 -3.52
C ALA A 51 -31.08 5.08 -4.47
N ARG A 52 -30.15 5.82 -5.07
CA ARG A 52 -29.20 5.12 -5.95
C ARG A 52 -27.89 5.88 -6.10
N SER A 53 -27.74 7.03 -5.44
CA SER A 53 -26.55 7.83 -5.62
C SER A 53 -25.82 8.15 -4.32
N LEU A 54 -26.43 7.89 -3.18
CA LEU A 54 -25.85 8.35 -1.92
C LEU A 54 -24.79 7.40 -1.38
N TYR A 55 -25.11 6.10 -1.27
CA TYR A 55 -24.20 5.09 -0.73
C TYR A 55 -23.56 4.27 -1.86
N SER A 56 -22.25 4.01 -1.73
CA SER A 56 -21.54 3.30 -2.79
C SER A 56 -21.84 1.81 -2.80
N GLU A 57 -22.36 1.27 -1.71
CA GLU A 57 -22.67 -0.14 -1.55
C GLU A 57 -24.11 -0.30 -1.09
N LYS A 58 -24.88 -1.09 -1.84
CA LYS A 58 -26.30 -1.28 -1.56
C LYS A 58 -26.55 -1.89 -0.20
N GLU A 59 -25.62 -2.72 0.27
CA GLU A 59 -25.88 -3.52 1.47
C GLU A 59 -26.08 -2.66 2.72
N VAL A 60 -25.64 -1.39 2.71
CA VAL A 60 -25.70 -0.58 3.92
C VAL A 60 -27.11 -0.18 4.32
N PHE A 61 -28.12 -0.46 3.49
CA PHE A 61 -29.48 -0.29 4.00
C PHE A 61 -29.70 -1.11 5.29
N ILE A 62 -29.04 -2.27 5.41
CA ILE A 62 -29.19 -3.07 6.63
C ILE A 62 -28.64 -2.33 7.84
N ARG A 63 -27.48 -1.69 7.67
CA ARG A 63 -26.93 -0.88 8.74
C ARG A 63 -27.86 0.28 9.08
N GLU A 64 -28.40 0.96 8.08
CA GLU A 64 -29.27 2.11 8.34
C GLU A 64 -30.52 1.71 9.11
N LEU A 65 -31.19 0.63 8.69
CA LEU A 65 -32.42 0.24 9.38
C LEU A 65 -32.11 -0.29 10.79
N ILE A 66 -31.00 -1.01 10.97
CA ILE A 66 -30.67 -1.50 12.32
C ILE A 66 -30.39 -0.34 13.26
N SER A 67 -29.67 0.69 12.79
CA SER A 67 -29.33 1.85 13.62
C SER A 67 -30.58 2.61 14.03
N ASN A 68 -31.56 2.73 13.12
CA ASN A 68 -32.86 3.29 13.48
C ASN A 68 -33.54 2.45 14.55
N GLY A 69 -33.40 1.13 14.47
CA GLY A 69 -34.00 0.26 15.48
C GLY A 69 -33.33 0.45 16.82
N SER A 70 -32.00 0.60 16.81
CA SER A 70 -31.26 0.86 18.04
C SER A 70 -31.65 2.19 18.67
N ASP A 71 -31.81 3.23 17.84
CA ASP A 71 -32.22 4.53 18.37
C ASP A 71 -33.62 4.47 18.97
N ALA A 72 -34.54 3.77 18.31
CA ALA A 72 -35.88 3.60 18.87
C ALA A 72 -35.83 2.87 20.22
N LEU A 73 -34.96 1.86 20.34
CA LEU A 73 -34.85 1.14 21.60
C LEU A 73 -34.21 2.00 22.68
N GLU A 74 -33.25 2.85 22.29
CA GLU A 74 -32.66 3.82 23.21
C GLU A 74 -33.72 4.80 23.74
N LYS A 75 -34.55 5.33 22.83
CA LYS A 75 -35.60 6.25 23.28
C LYS A 75 -36.55 5.56 24.25
N LEU A 76 -36.77 4.25 24.07
CA LEU A 76 -37.63 3.52 25.00
C LEU A 76 -36.92 3.23 26.31
N ARG A 77 -35.71 2.66 26.24
CA ARG A 77 -34.91 2.44 27.44
C ARG A 77 -34.79 3.72 28.25
N HIS A 78 -34.56 4.84 27.58
CA HIS A 78 -34.44 6.12 28.29
C HIS A 78 -35.74 6.47 29.00
N ARG A 79 -36.86 6.33 28.32
CA ARG A 79 -38.10 6.81 28.92
C ARG A 79 -38.65 5.81 29.94
N MET A 80 -38.34 4.53 29.79
CA MET A 80 -38.74 3.53 30.77
C MET A 80 -37.68 3.41 31.86
N ILE A 81 -37.69 4.43 32.71
CA ILE A 81 -36.93 4.45 33.95
C ILE A 81 -37.81 4.66 35.20
N THR A 82 -38.80 5.57 35.22
CA THR A 82 -39.27 6.36 34.06
C THR A 82 -38.97 7.84 34.17
N THR A 87 -38.78 -2.18 31.07
CA THR A 87 -39.19 -3.48 31.60
C THR A 87 -39.47 -4.45 30.44
N ALA A 88 -40.24 -4.00 29.45
CA ALA A 88 -40.55 -4.79 28.27
C ALA A 88 -39.28 -5.17 27.51
N PRO A 89 -39.34 -6.23 26.69
CA PRO A 89 -38.14 -6.67 25.99
C PRO A 89 -37.70 -5.67 24.94
N MET A 90 -36.39 -5.58 24.76
CA MET A 90 -35.79 -4.58 23.89
C MET A 90 -34.87 -5.34 22.96
N GLU A 91 -35.29 -5.50 21.71
CA GLU A 91 -34.54 -6.36 20.81
C GLU A 91 -34.87 -5.96 19.37
N ILE A 92 -34.04 -6.44 18.46
CA ILE A 92 -34.19 -6.22 17.04
C ILE A 92 -34.25 -7.57 16.36
N HIS A 93 -35.24 -7.76 15.50
CA HIS A 93 -35.44 -9.02 14.81
C HIS A 93 -35.36 -8.80 13.31
N LEU A 94 -34.62 -9.69 12.65
CA LEU A 94 -34.47 -9.71 11.20
C LEU A 94 -35.04 -11.01 10.66
N GLN A 95 -35.71 -10.94 9.52
CA GLN A 95 -36.21 -12.14 8.87
C GLN A 95 -36.00 -12.05 7.36
N THR A 96 -35.51 -13.13 6.78
CA THR A 96 -35.36 -13.28 5.33
C THR A 96 -36.34 -14.32 4.84
N ASP A 97 -37.04 -14.01 3.74
CA ASP A 97 -37.96 -14.95 3.08
C ASP A 97 -37.55 -15.01 1.61
N SER A 98 -36.75 -16.02 1.25
CA SER A 98 -36.25 -16.10 -0.13
C SER A 98 -37.37 -16.41 -1.12
N VAL A 99 -38.42 -17.10 -0.67
CA VAL A 99 -39.52 -17.45 -1.57
C VAL A 99 -40.33 -16.21 -1.92
N LYS A 100 -40.65 -15.38 -0.92
CA LYS A 100 -41.39 -14.15 -1.18
C LYS A 100 -40.48 -12.96 -1.50
N GLY A 101 -39.17 -13.16 -1.55
CA GLY A 101 -38.23 -12.08 -1.81
C GLY A 101 -38.32 -10.89 -0.88
N THR A 102 -38.33 -11.12 0.44
CA THR A 102 -38.54 -10.02 1.36
C THR A 102 -37.47 -10.02 2.44
N PHE A 103 -37.18 -8.81 2.92
CA PHE A 103 -36.33 -8.55 4.08
C PHE A 103 -37.19 -7.82 5.10
N THR A 104 -37.13 -8.27 6.36
CA THR A 104 -37.94 -7.67 7.42
C THR A 104 -37.10 -7.41 8.66
N ILE A 105 -37.27 -6.23 9.25
CA ILE A 105 -36.65 -5.88 10.52
C ILE A 105 -37.76 -5.34 11.42
N GLN A 106 -37.78 -5.80 12.67
CA GLN A 106 -38.72 -5.30 13.66
C GLN A 106 -37.97 -5.00 14.95
N ASP A 107 -38.14 -3.80 15.47
CA ASP A 107 -37.66 -3.46 16.79
C ASP A 107 -38.83 -3.31 17.75
N THR A 108 -38.55 -3.43 19.05
CA THR A 108 -39.55 -3.24 20.10
C THR A 108 -39.41 -1.88 20.77
N GLY A 109 -38.96 -0.86 20.05
CA GLY A 109 -38.72 0.47 20.61
C GLY A 109 -39.97 1.34 20.67
N VAL A 110 -39.75 2.66 20.76
CA VAL A 110 -40.84 3.60 21.06
C VAL A 110 -41.91 3.65 19.98
N GLY A 111 -41.65 3.14 18.79
CA GLY A 111 -42.62 3.26 17.72
C GLY A 111 -42.85 4.71 17.33
N MET A 112 -43.87 4.89 16.49
CA MET A 112 -44.27 6.20 15.98
C MET A 112 -45.78 6.26 15.90
N ASN A 113 -46.36 7.43 16.19
CA ASN A 113 -47.77 7.64 15.94
C ASN A 113 -47.97 8.06 14.49
N LYS A 114 -49.21 8.39 14.13
CA LYS A 114 -49.49 8.82 12.76
C LYS A 114 -48.74 10.10 12.43
N GLU A 115 -48.77 11.07 13.35
CA GLU A 115 -48.10 12.34 13.10
C GLU A 115 -46.61 12.15 12.98
N ASP A 116 -46.05 11.20 13.76
CA ASP A 116 -44.63 10.88 13.67
C ASP A 116 -44.29 10.16 12.37
N LEU A 117 -45.18 9.28 11.90
CA LEU A 117 -44.88 8.55 10.67
C LEU A 117 -44.80 9.49 9.49
N VAL A 118 -45.78 10.40 9.35
CA VAL A 118 -45.76 11.29 8.18
C VAL A 118 -44.69 12.36 8.32
N SER A 119 -44.35 12.78 9.54
CA SER A 119 -43.34 13.81 9.68
C SER A 119 -41.95 13.24 9.47
N ASN A 120 -41.65 12.12 10.12
CA ASN A 120 -40.28 11.63 10.13
C ASN A 120 -39.96 10.85 8.86
N LEU A 121 -40.86 9.95 8.46
CA LEU A 121 -40.63 9.20 7.22
C LEU A 121 -40.96 10.03 5.98
N GLY A 122 -41.93 10.94 6.10
CA GLY A 122 -42.39 11.68 4.94
C GLY A 122 -41.45 12.79 4.52
N THR A 123 -40.68 13.35 5.45
CA THR A 123 -39.83 14.50 5.17
C THR A 123 -38.36 14.08 5.13
N ILE A 124 -37.77 14.21 3.94
CA ILE A 124 -36.34 13.97 3.78
C ILE A 124 -35.57 15.02 4.57
N ALA A 125 -34.52 14.57 5.26
CA ALA A 125 -33.65 15.34 6.15
C ALA A 125 -34.31 15.65 7.49
N ARG A 126 -35.55 15.21 7.73
CA ARG A 126 -36.14 15.34 9.05
C ARG A 126 -35.71 14.17 9.92
N SER A 127 -35.15 14.49 11.09
CA SER A 127 -34.69 13.50 12.04
C SER A 127 -35.35 13.74 13.38
N GLY A 128 -36.30 12.89 13.75
CA GLY A 128 -36.82 12.92 15.11
C GLY A 128 -35.71 12.75 16.13
N SER A 129 -34.81 11.80 15.87
CA SER A 129 -33.69 11.50 16.75
C SER A 129 -32.70 12.65 16.90
N LYS A 130 -32.89 13.77 16.20
CA LYS A 130 -32.10 14.97 16.46
C LYS A 130 -32.86 15.98 17.32
N ALA A 131 -34.17 16.07 17.17
CA ALA A 131 -34.99 16.87 18.07
C ALA A 131 -35.09 16.27 19.46
N PHE A 132 -34.48 15.09 19.67
CA PHE A 132 -34.63 14.36 20.91
C PHE A 132 -33.81 14.96 22.04
N LEU A 133 -32.75 15.72 21.73
CA LEU A 133 -32.00 16.40 22.78
C LEU A 133 -32.21 17.92 22.65
N ASP A 134 -32.42 18.60 23.77
CA ASP A 134 -32.48 17.99 25.10
C ASP A 134 -33.90 17.58 25.44
N SER A 143 -27.45 9.85 26.35
CA SER A 143 -26.87 11.11 25.91
C SER A 143 -25.99 10.89 24.68
N SER A 144 -25.59 9.63 24.48
CA SER A 144 -24.51 9.33 23.56
C SER A 144 -24.71 8.07 22.73
N SER A 145 -25.86 7.40 22.86
CA SER A 145 -26.05 6.15 22.16
C SER A 145 -26.74 6.29 20.82
N ILE A 146 -27.28 7.48 20.53
CA ILE A 146 -28.04 7.69 19.31
C ILE A 146 -27.11 7.78 18.10
N ILE A 147 -27.56 7.21 16.98
CA ILE A 147 -26.82 7.29 15.73
C ILE A 147 -27.44 8.29 14.75
N GLY A 148 -28.77 8.44 14.76
CA GLY A 148 -29.44 9.23 13.72
C GLY A 148 -29.19 10.72 13.84
N GLN A 149 -29.23 11.40 12.70
CA GLN A 149 -28.93 12.83 12.65
C GLN A 149 -29.32 13.48 11.31
N PHE A 150 -29.08 12.76 10.21
CA PHE A 150 -29.24 13.30 8.87
C PHE A 150 -30.66 13.24 8.32
N GLY A 151 -31.50 12.32 8.78
CA GLY A 151 -32.86 12.26 8.28
C GLY A 151 -33.03 11.63 6.92
N VAL A 152 -32.15 10.70 6.54
CA VAL A 152 -32.15 10.15 5.18
C VAL A 152 -31.88 8.66 5.20
N GLY A 153 -31.37 8.14 6.31
CA GLY A 153 -30.94 6.73 6.33
C GLY A 153 -32.05 5.78 5.93
N PHE A 154 -33.27 6.04 6.39
CA PHE A 154 -34.39 5.16 6.09
C PHE A 154 -34.59 4.98 4.58
N TYR A 155 -34.39 6.04 3.79
CA TYR A 155 -34.67 5.95 2.35
C TYR A 155 -33.74 4.99 1.64
N SER A 156 -32.63 4.60 2.28
CA SER A 156 -31.73 3.63 1.67
C SER A 156 -32.41 2.31 1.35
N ALA A 157 -33.56 2.00 1.98
CA ALA A 157 -34.31 0.79 1.64
C ALA A 157 -34.73 0.78 0.19
N PHE A 158 -34.99 1.95 -0.39
CA PHE A 158 -35.40 1.98 -1.79
C PHE A 158 -34.23 1.74 -2.73
N MET A 159 -32.99 1.67 -2.23
CA MET A 159 -31.93 1.09 -3.05
C MET A 159 -32.25 -0.36 -3.41
N VAL A 160 -32.85 -1.13 -2.49
CA VAL A 160 -33.02 -2.56 -2.71
C VAL A 160 -34.46 -2.99 -2.78
N ALA A 161 -35.42 -2.10 -2.60
CA ALA A 161 -36.80 -2.52 -2.54
C ALA A 161 -37.64 -1.65 -3.44
N ASP A 162 -38.61 -2.25 -4.12
CA ASP A 162 -39.58 -1.44 -4.85
C ASP A 162 -40.85 -1.22 -4.04
N LYS A 163 -40.95 -1.78 -2.84
CA LYS A 163 -42.09 -1.52 -1.97
C LYS A 163 -41.64 -1.64 -0.52
N VAL A 164 -42.03 -0.66 0.29
CA VAL A 164 -41.69 -0.63 1.71
C VAL A 164 -42.96 -0.38 2.51
N GLU A 165 -43.28 -1.27 3.42
CA GLU A 165 -44.35 -1.09 4.37
C GLU A 165 -43.77 -0.93 5.77
N VAL A 166 -44.33 0.01 6.54
CA VAL A 166 -43.97 0.18 7.94
C VAL A 166 -45.22 0.00 8.78
N TYR A 167 -45.13 -0.83 9.82
CA TYR A 167 -46.17 -1.00 10.84
C TYR A 167 -45.59 -0.50 12.14
N SER A 168 -46.22 0.50 12.73
CA SER A 168 -45.63 1.12 13.91
C SER A 168 -46.69 1.32 14.98
N GLN A 169 -46.26 1.22 16.24
CA GLN A 169 -47.14 1.35 17.41
C GLN A 169 -46.44 2.18 18.48
N SER A 170 -47.00 3.34 18.77
CA SER A 170 -46.46 4.23 19.79
C SER A 170 -46.85 3.75 21.19
N ALA A 171 -46.13 4.26 22.18
CA ALA A 171 -46.49 4.11 23.59
C ALA A 171 -46.61 5.48 24.25
N GLU A 172 -47.58 5.67 25.15
CA GLU A 172 -48.60 4.68 25.49
C GLU A 172 -49.53 4.36 24.31
N ALA A 173 -50.02 5.35 23.55
CA ALA A 173 -49.98 6.79 23.82
C ALA A 173 -51.41 7.25 23.65
N ASP A 174 -51.83 7.39 22.40
CA ASP A 174 -53.25 7.47 22.09
C ASP A 174 -53.83 6.06 22.39
N ALA A 175 -53.51 4.98 21.65
CA ALA A 175 -52.63 4.92 20.45
C ALA A 175 -53.08 3.83 19.50
N PRO A 176 -53.41 4.21 18.27
CA PRO A 176 -53.73 3.23 17.23
C PRO A 176 -52.47 2.72 16.55
N GLY A 177 -52.65 1.69 15.73
CA GLY A 177 -51.58 1.18 14.90
C GLY A 177 -51.73 1.70 13.47
N TYR A 178 -50.61 1.94 12.82
CA TYR A 178 -50.67 2.49 11.48
C TYR A 178 -49.77 1.68 10.54
N LYS A 179 -50.15 1.68 9.26
CA LYS A 179 -49.34 1.09 8.21
C LYS A 179 -48.96 2.18 7.23
N TRP A 180 -47.67 2.41 7.08
CA TRP A 180 -47.12 3.35 6.13
C TRP A 180 -46.62 2.54 4.94
N SER A 181 -46.90 3.01 3.72
CA SER A 181 -46.61 2.24 2.52
C SER A 181 -46.19 3.19 1.41
N SER A 182 -45.18 2.77 0.64
CA SER A 182 -44.72 3.58 -0.49
C SER A 182 -43.91 2.72 -1.46
N ASP A 183 -43.94 3.11 -2.74
CA ASP A 183 -43.08 2.52 -3.75
C ASP A 183 -41.76 3.27 -3.91
N GLY A 184 -41.57 4.36 -3.15
CA GLY A 184 -40.30 5.04 -3.04
C GLY A 184 -40.14 6.27 -3.92
N SER A 185 -41.01 6.43 -4.91
CA SER A 185 -40.88 7.50 -5.89
C SER A 185 -42.14 8.36 -5.85
N GLY A 186 -42.19 9.26 -4.87
CA GLY A 186 -43.19 10.32 -4.90
C GLY A 186 -44.16 10.39 -3.73
N VAL A 187 -44.94 9.34 -3.52
CA VAL A 187 -46.13 9.39 -2.69
C VAL A 187 -46.11 8.23 -1.68
N PHE A 188 -46.77 8.44 -0.54
CA PHE A 188 -46.96 7.37 0.42
C PHE A 188 -48.33 7.51 1.06
N GLU A 189 -48.80 6.43 1.69
CA GLU A 189 -50.11 6.41 2.32
C GLU A 189 -50.02 5.85 3.72
N VAL A 190 -50.90 6.34 4.59
CA VAL A 190 -50.94 5.96 6.00
C VAL A 190 -52.37 5.55 6.33
N ALA A 191 -52.55 4.29 6.70
CA ALA A 191 -53.85 3.75 7.08
C ALA A 191 -53.76 3.18 8.49
N GLU A 192 -54.84 3.34 9.25
CA GLU A 192 -54.88 2.77 10.60
C GLU A 192 -54.79 1.25 10.52
N ALA A 193 -54.29 0.64 11.60
CA ALA A 193 -54.07 -0.80 11.59
C ALA A 193 -54.16 -1.35 13.01
N SER A 194 -54.62 -2.59 13.10
CA SER A 194 -54.67 -3.35 14.33
C SER A 194 -53.62 -4.46 14.30
N GLY A 195 -53.42 -5.09 15.46
CA GLY A 195 -52.42 -6.14 15.55
C GLY A 195 -50.99 -5.66 15.40
N VAL A 196 -50.72 -4.38 15.68
CA VAL A 196 -49.37 -3.85 15.57
C VAL A 196 -48.72 -3.88 16.95
N ARG A 197 -47.62 -4.62 17.04
CA ARG A 197 -46.89 -4.75 18.29
C ARG A 197 -46.08 -3.49 18.57
N GLN A 198 -46.06 -3.10 19.85
CA GLN A 198 -45.19 -2.05 20.35
C GLN A 198 -43.85 -2.03 19.62
N GLY A 199 -43.51 -0.91 19.02
CA GLY A 199 -42.32 -0.86 18.19
C GLY A 199 -42.65 -0.69 16.73
N THR A 200 -41.78 -1.18 15.85
CA THR A 200 -41.90 -0.86 14.42
C THR A 200 -41.43 -2.05 13.60
N LYS A 201 -42.21 -2.40 12.58
CA LYS A 201 -41.84 -3.47 11.65
C LYS A 201 -41.80 -2.91 10.23
N ILE A 202 -40.70 -3.18 9.52
CA ILE A 202 -40.48 -2.67 8.17
C ILE A 202 -40.24 -3.86 7.23
N VAL A 203 -41.07 -3.98 6.21
CA VAL A 203 -40.95 -5.05 5.22
C VAL A 203 -40.50 -4.45 3.89
N LEU A 204 -39.43 -4.99 3.33
CA LEU A 204 -38.93 -4.58 2.03
C LEU A 204 -39.17 -5.70 1.04
N HIS A 205 -40.02 -5.44 0.06
CA HIS A 205 -40.22 -6.34 -1.07
C HIS A 205 -39.07 -6.08 -2.04
N LEU A 206 -38.10 -6.97 -2.04
CA LEU A 206 -36.82 -6.69 -2.67
C LEU A 206 -36.94 -6.59 -4.18
N LYS A 207 -36.19 -5.67 -4.75
CA LYS A 207 -36.10 -5.61 -6.19
C LYS A 207 -35.49 -6.91 -6.71
N ASP A 208 -35.74 -7.17 -7.99
CA ASP A 208 -35.39 -8.47 -8.56
C ASP A 208 -33.89 -8.70 -8.60
N ASP A 209 -33.09 -7.64 -8.67
CA ASP A 209 -31.63 -7.79 -8.68
C ASP A 209 -31.01 -7.63 -7.30
N CYS A 210 -31.80 -7.65 -6.24
CA CYS A 210 -31.31 -7.53 -4.87
C CYS A 210 -31.71 -8.73 -4.02
N LYS A 211 -31.97 -9.87 -4.67
CA LYS A 211 -32.47 -11.03 -3.94
C LYS A 211 -31.46 -11.60 -2.97
N GLU A 212 -30.19 -11.19 -3.07
CA GLU A 212 -29.19 -11.64 -2.13
C GLU A 212 -29.58 -11.29 -0.70
N PHE A 213 -30.38 -10.23 -0.51
CA PHE A 213 -30.80 -9.80 0.81
C PHE A 213 -32.02 -10.56 1.33
N SER A 214 -32.47 -11.58 0.61
CA SER A 214 -33.38 -12.56 1.19
C SER A 214 -32.64 -13.82 1.61
N SER A 215 -31.32 -13.80 1.55
CA SER A 215 -30.46 -14.90 1.96
C SER A 215 -29.96 -14.67 3.39
N GLU A 216 -30.14 -15.68 4.24
CA GLU A 216 -29.76 -15.56 5.65
C GLU A 216 -28.27 -15.32 5.81
N ASP A 217 -27.43 -16.10 5.12
CA ASP A 217 -26.00 -15.93 5.27
C ASP A 217 -25.56 -14.55 4.81
N ARG A 218 -26.15 -14.07 3.72
CA ARG A 218 -25.83 -12.73 3.22
C ARG A 218 -26.18 -11.67 4.24
N VAL A 219 -27.40 -11.73 4.80
CA VAL A 219 -27.79 -10.73 5.78
C VAL A 219 -26.91 -10.84 7.02
N LYS A 220 -26.57 -12.07 7.43
CA LYS A 220 -25.78 -12.22 8.64
C LYS A 220 -24.42 -11.55 8.49
N GLU A 221 -23.79 -11.71 7.31
CA GLU A 221 -22.46 -11.14 7.11
C GLU A 221 -22.50 -9.62 7.05
N VAL A 222 -23.63 -9.03 6.61
CA VAL A 222 -23.73 -7.56 6.65
C VAL A 222 -23.87 -7.09 8.09
N VAL A 223 -24.58 -7.85 8.92
CA VAL A 223 -24.74 -7.46 10.32
C VAL A 223 -23.39 -7.42 11.01
N THR A 224 -22.65 -8.53 10.94
CA THR A 224 -21.41 -8.56 11.70
C THR A 224 -20.41 -7.58 11.13
N LYS A 225 -20.52 -7.22 9.84
CA LYS A 225 -19.63 -6.20 9.29
C LYS A 225 -19.91 -4.84 9.90
N TYR A 226 -21.16 -4.37 9.83
CA TYR A 226 -21.44 -3.00 10.25
C TYR A 226 -22.07 -2.88 11.61
N SER A 227 -22.76 -3.91 12.10
CA SER A 227 -23.60 -3.66 13.24
C SER A 227 -23.28 -4.66 14.32
N ASN A 228 -22.00 -4.99 14.45
CA ASN A 228 -21.52 -6.07 15.30
C ASN A 228 -21.42 -5.71 16.78
N PHE A 229 -21.56 -4.41 17.13
CA PHE A 229 -21.40 -3.90 18.49
C PHE A 229 -22.65 -3.16 18.96
N VAL A 230 -23.76 -3.37 18.26
CA VAL A 230 -25.03 -2.80 18.67
C VAL A 230 -25.40 -3.23 20.09
N SER A 231 -26.05 -2.33 20.82
CA SER A 231 -26.25 -2.44 22.26
C SER A 231 -27.46 -3.29 22.64
N PHE A 232 -28.17 -3.85 21.68
CA PHE A 232 -29.36 -4.62 21.94
C PHE A 232 -29.28 -5.94 21.21
N PRO A 233 -29.97 -6.98 21.69
CA PRO A 233 -29.89 -8.26 21.01
C PRO A 233 -30.48 -8.15 19.61
N ILE A 234 -29.80 -8.77 18.65
CA ILE A 234 -30.30 -8.89 17.29
C ILE A 234 -30.59 -10.36 17.05
N PHE A 235 -31.80 -10.65 16.55
CA PHE A 235 -32.21 -11.99 16.20
C PHE A 235 -32.40 -12.07 14.69
N LEU A 236 -31.78 -13.05 14.06
CA LEU A 236 -31.92 -13.33 12.63
C LEU A 236 -32.65 -14.66 12.45
N ASN A 237 -33.91 -14.60 12.02
CA ASN A 237 -34.72 -15.79 11.78
C ASN A 237 -34.76 -16.67 13.03
N GLY A 238 -35.06 -16.04 14.17
CA GLY A 238 -35.22 -16.74 15.43
C GLY A 238 -33.95 -17.10 16.18
N ARG A 239 -32.79 -17.04 15.54
CA ARG A 239 -31.50 -17.31 16.17
C ARG A 239 -30.78 -15.99 16.53
N ARG A 240 -30.40 -15.85 17.81
CA ARG A 240 -29.73 -14.66 18.30
C ARG A 240 -28.30 -14.57 17.77
N LEU A 241 -27.89 -13.36 17.36
CA LEU A 241 -26.58 -13.22 16.76
C LEU A 241 -25.56 -12.84 17.81
N ASN A 242 -24.30 -13.22 17.56
CA ASN A 242 -23.24 -13.04 18.53
C ASN A 242 -22.65 -11.63 18.42
N THR A 243 -23.42 -10.65 18.89
CA THR A 243 -22.87 -9.31 18.97
C THR A 243 -21.75 -9.27 20.02
N LEU A 244 -20.90 -8.26 19.91
CA LEU A 244 -19.70 -8.17 20.74
C LEU A 244 -19.72 -6.88 21.53
N GLN A 245 -18.91 -6.85 22.57
CA GLN A 245 -18.65 -5.61 23.27
C GLN A 245 -17.60 -4.81 22.51
N ALA A 246 -17.82 -3.48 22.45
CA ALA A 246 -16.83 -2.56 21.90
C ALA A 246 -15.71 -2.34 22.91
N LEU A 247 -14.74 -3.27 22.92
CA LEU A 247 -13.66 -3.24 23.90
C LEU A 247 -12.94 -1.89 23.94
N TRP A 248 -12.71 -1.28 22.78
CA TRP A 248 -11.92 -0.06 22.73
C TRP A 248 -12.55 1.06 23.53
N MET A 249 -13.88 1.04 23.73
CA MET A 249 -14.58 2.07 24.50
C MET A 249 -14.61 1.79 26.00
N MET A 250 -14.12 0.66 26.45
CA MET A 250 -14.25 0.26 27.84
C MET A 250 -13.00 0.58 28.64
N GLU A 251 -13.15 0.52 29.96
CA GLU A 251 -12.05 0.81 30.88
C GLU A 251 -10.94 -0.23 30.75
N PRO A 252 -9.69 0.19 30.53
CA PRO A 252 -8.64 -0.77 30.16
C PRO A 252 -8.38 -1.91 31.13
N LYS A 253 -8.46 -1.71 32.45
CA LYS A 253 -8.21 -2.88 33.28
C LYS A 253 -9.48 -3.59 33.70
N ASP A 254 -10.60 -3.27 33.05
CA ASP A 254 -11.73 -4.16 33.01
C ASP A 254 -11.62 -5.17 31.86
N ILE A 255 -10.47 -5.23 31.18
CA ILE A 255 -10.24 -6.17 30.09
C ILE A 255 -9.18 -7.17 30.51
N SER A 256 -9.58 -8.43 30.58
CA SER A 256 -8.65 -9.51 30.86
C SER A 256 -7.78 -9.77 29.63
N GLU A 257 -6.69 -10.50 29.85
CA GLU A 257 -5.88 -10.90 28.71
C GLU A 257 -6.67 -11.81 27.79
N TRP A 258 -7.54 -12.65 28.38
CA TRP A 258 -8.33 -13.55 27.56
C TRP A 258 -9.30 -12.77 26.66
N GLN A 259 -9.91 -11.71 27.20
CA GLN A 259 -10.78 -10.88 26.37
C GLN A 259 -10.03 -10.21 25.23
N HIS A 260 -8.76 -9.85 25.44
CA HIS A 260 -7.98 -9.26 24.35
C HIS A 260 -7.62 -10.31 23.31
N GLU A 261 -7.29 -11.53 23.75
CA GLU A 261 -6.98 -12.59 22.80
C GLU A 261 -8.17 -12.83 21.87
N GLU A 262 -9.37 -12.94 22.45
CA GLU A 262 -10.55 -13.15 21.62
C GLU A 262 -10.82 -11.94 20.72
N PHE A 263 -10.69 -10.74 21.27
CA PHE A 263 -11.00 -9.59 20.41
C PHE A 263 -9.95 -9.43 19.31
N TYR A 264 -8.69 -9.69 19.63
CA TYR A 264 -7.65 -9.70 18.61
C TYR A 264 -7.98 -10.66 17.49
N ARG A 265 -8.32 -11.91 17.83
CA ARG A 265 -8.62 -12.88 16.80
C ARG A 265 -9.78 -12.42 15.93
N TYR A 266 -10.76 -11.72 16.53
CA TYR A 266 -11.86 -11.21 15.73
C TYR A 266 -11.42 -10.06 14.79
N VAL A 267 -10.72 -9.05 15.31
CA VAL A 267 -10.44 -7.87 14.48
C VAL A 267 -9.35 -8.13 13.48
N ALA A 268 -8.37 -8.96 13.84
CA ALA A 268 -7.33 -9.36 12.90
C ALA A 268 -7.70 -10.57 12.08
N GLN A 269 -8.90 -11.12 12.26
CA GLN A 269 -9.30 -12.40 11.67
C GLN A 269 -8.13 -13.38 11.73
N ALA A 270 -7.65 -13.59 12.94
CA ALA A 270 -6.47 -14.42 13.15
C ALA A 270 -6.84 -15.66 13.96
N TYR A 271 -5.87 -16.55 14.07
CA TYR A 271 -6.02 -17.74 14.89
C TYR A 271 -5.01 -17.83 16.03
N ASP A 272 -4.05 -16.90 16.12
CA ASP A 272 -3.06 -16.97 17.18
C ASP A 272 -3.47 -16.02 18.31
N LYS A 273 -2.51 -15.32 18.90
CA LYS A 273 -2.81 -14.40 19.98
C LYS A 273 -1.83 -13.26 19.93
N PRO A 274 -2.15 -12.11 20.54
CA PRO A 274 -1.27 -10.94 20.45
C PRO A 274 -0.11 -11.03 21.43
N ARG A 275 1.09 -10.68 20.95
CA ARG A 275 2.23 -10.61 21.84
C ARG A 275 2.32 -9.27 22.56
N TYR A 276 1.67 -8.23 22.07
CA TYR A 276 1.59 -6.95 22.74
C TYR A 276 0.21 -6.40 22.51
N THR A 277 -0.26 -5.66 23.50
CA THR A 277 -1.55 -5.02 23.46
C THR A 277 -1.37 -3.60 23.95
N LEU A 278 -1.90 -2.65 23.20
CA LEU A 278 -1.80 -1.24 23.56
C LEU A 278 -3.23 -0.71 23.54
N HIS A 279 -3.74 -0.38 24.69
CA HIS A 279 -5.11 0.10 24.78
C HIS A 279 -4.98 1.58 25.05
N TYR A 280 -5.29 2.40 24.03
CA TYR A 280 -4.92 3.80 24.05
C TYR A 280 -6.15 4.69 23.97
N ARG A 281 -6.34 5.48 25.03
CA ARG A 281 -7.40 6.46 25.12
C ARG A 281 -6.81 7.85 25.27
N ALA A 282 -7.38 8.82 24.58
CA ALA A 282 -6.95 10.19 24.78
C ALA A 282 -8.14 11.10 24.53
N ASP A 283 -8.08 12.30 25.12
CA ASP A 283 -9.09 13.31 24.93
C ASP A 283 -8.58 14.62 24.33
N ALA A 284 -7.29 14.93 24.51
CA ALA A 284 -6.64 16.06 23.83
C ALA A 284 -5.29 15.64 23.24
N PRO A 285 -4.95 16.18 22.06
CA PRO A 285 -5.74 17.13 21.26
C PRO A 285 -7.00 16.53 20.59
N LEU A 286 -6.99 15.23 20.36
CA LEU A 286 -8.10 14.54 19.71
C LEU A 286 -8.69 13.49 20.64
N ASN A 287 -10.02 13.33 20.56
CA ASN A 287 -10.66 12.13 21.12
C ASN A 287 -10.14 10.89 20.40
N ILE A 288 -9.62 9.93 21.15
CA ILE A 288 -9.08 8.69 20.61
C ILE A 288 -9.47 7.54 21.53
N ARG A 289 -10.06 6.50 20.97
CA ARG A 289 -10.30 5.24 21.67
C ARG A 289 -9.84 4.12 20.75
N SER A 290 -8.82 3.39 21.17
CA SER A 290 -8.09 2.57 20.21
C SER A 290 -7.47 1.38 20.92
N ILE A 291 -7.38 0.27 20.20
CA ILE A 291 -6.61 -0.88 20.63
C ILE A 291 -5.75 -1.36 19.48
N PHE A 292 -4.50 -1.61 19.76
CA PHE A 292 -3.55 -2.10 18.79
C PHE A 292 -2.91 -3.36 19.34
N TYR A 293 -2.72 -4.33 18.47
CA TYR A 293 -2.10 -5.60 18.79
C TYR A 293 -0.92 -5.82 17.87
N VAL A 294 0.12 -6.43 18.41
CA VAL A 294 1.19 -7.01 17.60
C VAL A 294 0.99 -8.52 17.62
N PRO A 295 0.85 -9.19 16.48
CA PRO A 295 0.55 -10.62 16.48
C PRO A 295 1.71 -11.42 17.08
N GLU A 296 1.38 -12.55 17.70
CA GLU A 296 2.45 -13.47 18.11
C GLU A 296 3.16 -14.03 16.89
N MET A 297 2.42 -14.36 15.84
CA MET A 297 3.01 -14.83 14.59
C MET A 297 4.00 -13.82 14.00
N LYS A 298 5.10 -14.34 13.47
CA LYS A 298 5.97 -13.58 12.59
C LYS A 298 5.18 -13.09 11.38
N PRO A 299 5.51 -11.92 10.83
CA PRO A 299 4.81 -11.46 9.63
C PRO A 299 5.09 -12.37 8.44
N SER A 300 4.05 -12.59 7.63
CA SER A 300 4.22 -13.29 6.38
C SER A 300 5.11 -12.49 5.44
N MET A 301 6.12 -13.13 4.86
CA MET A 301 6.95 -12.39 3.90
C MET A 301 6.22 -12.18 2.58
N PHE A 302 5.31 -13.09 2.20
CA PHE A 302 4.50 -12.87 1.01
C PHE A 302 3.58 -11.67 1.17
N ASP A 303 3.10 -11.42 2.39
CA ASP A 303 2.17 -10.33 2.63
C ASP A 303 2.87 -9.00 2.91
N VAL A 304 4.12 -9.03 3.40
CA VAL A 304 4.84 -7.78 3.61
C VAL A 304 4.98 -7.01 2.31
N SER A 305 5.28 -7.72 1.21
CA SER A 305 5.41 -7.08 -0.09
C SER A 305 4.06 -6.85 -0.75
N ARG A 306 3.06 -7.69 -0.45
CA ARG A 306 1.72 -7.53 -1.00
C ARG A 306 1.07 -6.20 -0.60
N SER A 311 -5.22 -2.11 7.85
CA SER A 311 -4.72 -3.05 8.87
C SER A 311 -5.54 -2.95 10.16
N VAL A 312 -6.10 -1.77 10.37
CA VAL A 312 -6.82 -1.38 11.57
C VAL A 312 -8.19 -0.85 11.14
N ALA A 313 -9.24 -1.25 11.83
CA ALA A 313 -10.57 -0.77 11.48
C ALA A 313 -10.83 0.58 12.14
N LEU A 314 -11.59 1.44 11.45
CA LEU A 314 -11.92 2.77 11.91
C LEU A 314 -13.41 2.83 12.23
N TYR A 315 -13.75 3.42 13.38
CA TYR A 315 -15.13 3.43 13.85
C TYR A 315 -15.56 4.81 14.34
N SER A 316 -16.86 4.90 14.56
CA SER A 316 -17.46 5.91 15.42
C SER A 316 -18.78 5.34 15.93
N ARG A 317 -19.09 5.64 17.19
CA ARG A 317 -20.34 5.22 17.84
C ARG A 317 -20.62 3.76 17.54
N LYS A 318 -19.54 2.96 17.50
CA LYS A 318 -19.57 1.53 17.27
C LYS A 318 -20.09 1.14 15.87
N ILE A 319 -19.99 2.00 14.86
CA ILE A 319 -20.24 1.56 13.48
C ILE A 319 -19.16 2.11 12.54
N LEU A 320 -18.88 1.31 11.52
CA LEU A 320 -17.63 1.26 10.77
C LEU A 320 -17.46 2.46 9.82
N ILE A 321 -16.19 2.79 9.55
CA ILE A 321 -15.84 3.78 8.54
C ILE A 321 -14.85 3.14 7.57
N GLN A 322 -15.03 3.40 6.29
CA GLN A 322 -14.02 3.05 5.28
C GLN A 322 -13.04 4.21 5.07
N ASP A 327 -2.98 6.37 5.59
CA ASP A 327 -4.26 6.02 6.20
C ASP A 327 -4.36 6.55 7.63
N ILE A 328 -4.76 5.67 8.56
CA ILE A 328 -4.82 6.08 9.96
C ILE A 328 -3.44 5.94 10.61
N LEU A 329 -2.65 5.00 10.14
CA LEU A 329 -1.36 4.70 10.68
C LEU A 329 -0.32 4.94 9.59
N PRO A 330 0.88 5.38 9.94
CA PRO A 330 1.96 5.42 8.94
C PRO A 330 2.15 4.04 8.34
N LYS A 331 2.66 4.01 7.10
CA LYS A 331 2.81 2.74 6.41
C LYS A 331 3.68 1.76 7.21
N TRP A 332 4.70 2.26 7.91
CA TRP A 332 5.59 1.34 8.61
C TRP A 332 4.94 0.66 9.81
N LEU A 333 3.79 1.14 10.28
CA LEU A 333 3.08 0.52 11.39
C LEU A 333 1.93 -0.37 10.92
N ARG A 334 1.93 -0.79 9.66
CA ARG A 334 0.86 -1.63 9.14
C ARG A 334 0.88 -3.04 9.69
N PHE A 335 1.95 -3.44 10.38
CA PHE A 335 1.90 -4.73 11.08
C PHE A 335 0.95 -4.71 12.26
N LEU A 336 0.49 -3.53 12.71
CA LEU A 336 -0.41 -3.48 13.86
C LEU A 336 -1.81 -3.91 13.45
N ARG A 337 -2.47 -4.66 14.32
CA ARG A 337 -3.88 -4.97 14.17
C ARG A 337 -4.67 -4.23 15.23
N GLY A 338 -5.97 -4.14 14.99
CA GLY A 338 -6.85 -3.58 16.01
C GLY A 338 -7.80 -2.54 15.46
N VAL A 339 -8.06 -1.51 16.25
CA VAL A 339 -9.21 -0.66 16.00
C VAL A 339 -8.94 0.74 16.51
N VAL A 340 -9.43 1.74 15.79
CA VAL A 340 -9.30 3.13 16.16
C VAL A 340 -10.66 3.79 16.06
N ASP A 341 -11.00 4.61 17.05
CA ASP A 341 -12.30 5.26 17.11
C ASP A 341 -12.06 6.69 17.58
N SER A 342 -12.59 7.66 16.85
CA SER A 342 -12.34 9.06 17.18
C SER A 342 -13.56 9.89 16.86
N GLU A 343 -14.10 10.57 17.88
CA GLU A 343 -15.27 11.41 17.68
C GLU A 343 -14.97 12.67 16.87
N ASP A 344 -13.70 13.02 16.71
CA ASP A 344 -13.33 14.22 15.96
C ASP A 344 -13.27 13.97 14.46
N ILE A 345 -13.49 12.75 14.02
CA ILE A 345 -13.56 12.44 12.59
C ILE A 345 -14.97 12.76 12.10
N PRO A 346 -15.20 13.87 11.40
CA PRO A 346 -16.53 14.09 10.86
C PRO A 346 -16.78 13.08 9.76
N LEU A 347 -18.02 12.66 9.63
CA LEU A 347 -18.40 11.71 8.60
C LEU A 347 -19.26 12.40 7.57
N ASN A 348 -19.03 12.06 6.31
CA ASN A 348 -19.90 12.50 5.25
C ASN A 348 -21.26 11.81 5.39
N LEU A 349 -22.20 12.28 4.57
CA LEU A 349 -23.59 11.83 4.60
C LEU A 349 -23.71 10.32 4.49
N SER A 350 -22.74 9.67 3.86
CA SER A 350 -22.82 8.26 3.54
C SER A 350 -22.20 7.38 4.58
N ARG A 351 -21.39 7.95 5.49
CA ARG A 351 -20.73 7.21 6.57
C ARG A 351 -19.69 6.26 6.01
N GLU A 352 -19.00 6.69 4.96
CA GLU A 352 -17.84 5.94 4.47
C GLU A 352 -16.65 6.82 4.13
N LEU A 353 -16.84 8.11 3.93
CA LEU A 353 -15.74 9.05 3.77
C LEU A 353 -15.50 9.75 5.10
N LEU A 354 -14.23 10.01 5.40
CA LEU A 354 -13.80 10.86 6.50
C LEU A 354 -13.36 12.21 5.95
N GLN A 355 -13.62 13.29 6.70
CA GLN A 355 -13.83 14.59 6.09
C GLN A 355 -12.72 15.63 6.26
N GLU A 356 -11.65 15.36 7.01
CA GLU A 356 -10.56 16.33 7.11
C GLU A 356 -9.22 15.60 7.09
N SER A 357 -8.45 15.81 6.02
CA SER A 357 -7.24 15.03 5.82
C SER A 357 -6.12 15.49 6.74
N ALA A 358 -6.00 16.80 6.99
CA ALA A 358 -4.99 17.26 7.92
C ALA A 358 -5.27 16.75 9.32
N LEU A 359 -6.55 16.68 9.69
CA LEU A 359 -6.99 16.02 10.91
C LEU A 359 -6.45 14.59 10.98
N ILE A 360 -6.42 13.90 9.84
CA ILE A 360 -5.99 12.51 9.77
C ILE A 360 -4.47 12.41 9.86
N ARG A 361 -3.75 13.36 9.29
CA ARG A 361 -2.31 13.39 9.48
C ARG A 361 -1.99 13.61 10.95
N LYS A 362 -2.78 14.47 11.61
CA LYS A 362 -2.57 14.72 13.03
C LYS A 362 -2.87 13.47 13.85
N LEU A 363 -3.99 12.80 13.57
CA LEU A 363 -4.27 11.55 14.25
C LEU A 363 -3.16 10.54 14.00
N ARG A 364 -2.72 10.42 12.74
CA ARG A 364 -1.63 9.53 12.40
C ARG A 364 -0.39 9.82 13.24
N ASP A 365 -0.04 11.11 13.35
CA ASP A 365 1.16 11.50 14.08
C ASP A 365 1.02 11.26 15.58
N VAL A 366 -0.15 11.55 16.15
CA VAL A 366 -0.37 11.24 17.55
C VAL A 366 -0.21 9.74 17.80
N LEU A 367 -0.80 8.92 16.94
CA LEU A 367 -0.74 7.47 17.15
C LEU A 367 0.68 6.96 17.00
N GLN A 368 1.40 7.50 16.02
CA GLN A 368 2.77 7.06 15.76
C GLN A 368 3.64 7.29 16.99
N GLN A 369 3.57 8.49 17.58
CA GLN A 369 4.35 8.78 18.78
C GLN A 369 3.91 7.88 19.94
N ARG A 370 2.61 7.66 20.10
CA ARG A 370 2.17 6.80 21.21
C ARG A 370 2.66 5.37 21.02
N VAL A 371 2.69 4.87 19.78
CA VAL A 371 3.14 3.49 19.57
C VAL A 371 4.64 3.37 19.81
N ILE A 372 5.39 4.40 19.43
CA ILE A 372 6.84 4.41 19.68
C ILE A 372 7.09 4.39 21.18
N ARG A 373 6.38 5.24 21.93
CA ARG A 373 6.53 5.25 23.38
C ARG A 373 6.20 3.89 23.98
N PHE A 374 5.16 3.23 23.45
CA PHE A 374 4.76 1.90 23.94
C PHE A 374 5.88 0.88 23.73
N LEU A 375 6.44 0.85 22.51
CA LEU A 375 7.43 -0.17 22.21
C LEU A 375 8.71 0.08 22.99
N LEU A 376 9.07 1.36 23.20
CA LEU A 376 10.22 1.63 24.08
C LEU A 376 9.96 1.11 25.48
N ASP A 377 8.75 1.35 26.01
CA ASP A 377 8.39 0.82 27.33
C ASP A 377 8.50 -0.71 27.38
N GLN A 378 8.10 -1.40 26.29
CA GLN A 378 8.21 -2.86 26.29
C GLN A 378 9.67 -3.29 26.35
N SER A 379 10.55 -2.60 25.62
CA SER A 379 11.98 -2.83 25.75
C SER A 379 12.45 -2.72 27.20
N LYS A 380 12.00 -1.70 27.93
CA LYS A 380 12.39 -1.59 29.33
C LYS A 380 11.81 -2.71 30.17
N LYS A 381 10.52 -3.01 29.99
CA LYS A 381 9.86 -4.01 30.83
C LYS A 381 10.44 -5.41 30.62
N ASP A 382 10.73 -5.77 29.38
CA ASP A 382 11.08 -7.15 29.03
C ASP A 382 11.99 -7.12 27.80
N PRO A 383 13.30 -6.93 28.00
CA PRO A 383 14.21 -6.81 26.84
C PRO A 383 14.29 -8.06 26.00
N GLU A 384 14.20 -9.26 26.59
CA GLU A 384 14.31 -10.49 25.81
C GLU A 384 13.10 -10.67 24.90
N LYS A 385 11.91 -10.43 25.42
CA LYS A 385 10.72 -10.46 24.58
C LYS A 385 10.79 -9.40 23.49
N TYR A 386 11.35 -8.23 23.81
CA TYR A 386 11.49 -7.18 22.80
C TYR A 386 12.51 -7.57 21.74
N ALA A 387 13.56 -8.28 22.13
CA ALA A 387 14.51 -8.80 21.15
C ALA A 387 13.79 -9.68 20.14
N ARG A 388 12.96 -10.61 20.63
CA ARG A 388 12.17 -11.44 19.74
C ARG A 388 11.32 -10.59 18.81
N PHE A 389 10.61 -9.60 19.38
CA PHE A 389 9.83 -8.68 18.56
C PHE A 389 10.69 -7.92 17.57
N PHE A 390 11.86 -7.47 18.01
CA PHE A 390 12.70 -6.70 17.10
C PHE A 390 13.21 -7.58 15.96
N GLU A 391 13.52 -8.84 16.26
CA GLU A 391 13.94 -9.76 15.21
C GLU A 391 12.84 -9.98 14.18
N ASP A 392 11.58 -10.10 14.64
CA ASP A 392 10.45 -10.40 13.76
C ASP A 392 9.92 -9.18 13.04
N TYR A 393 10.04 -8.00 13.64
CA TYR A 393 9.39 -6.84 13.10
C TYR A 393 10.34 -5.69 12.79
N GLY A 394 11.62 -5.84 13.11
CA GLY A 394 12.57 -4.74 12.93
C GLY A 394 12.57 -4.18 11.52
N LEU A 395 12.33 -5.05 10.52
CA LEU A 395 12.27 -4.61 9.13
C LEU A 395 11.31 -3.44 8.96
N PHE A 396 10.23 -3.39 9.72
CA PHE A 396 9.30 -2.28 9.62
C PHE A 396 9.92 -0.99 10.17
N MET A 397 10.66 -1.08 11.28
CA MET A 397 11.37 0.11 11.78
C MET A 397 12.35 0.64 10.74
N ARG A 398 13.11 -0.27 10.09
CA ARG A 398 14.06 0.15 9.07
C ARG A 398 13.35 0.82 7.91
N GLU A 399 12.22 0.24 7.48
CA GLU A 399 11.48 0.86 6.40
C GLU A 399 11.02 2.25 6.80
N GLY A 400 10.52 2.39 8.02
CA GLY A 400 10.06 3.69 8.48
C GLY A 400 11.14 4.75 8.48
N ILE A 401 12.33 4.41 8.97
CA ILE A 401 13.45 5.36 8.98
C ILE A 401 13.88 5.72 7.56
N VAL A 402 13.84 4.74 6.65
CA VAL A 402 14.36 4.99 5.32
C VAL A 402 13.40 5.86 4.51
N THR A 403 12.10 5.76 4.76
CA THR A 403 11.11 6.40 3.90
C THR A 403 10.56 7.70 4.46
N THR A 404 10.78 7.99 5.74
CA THR A 404 10.41 9.29 6.29
C THR A 404 11.37 10.37 5.79
N GLY A 405 10.85 11.58 5.66
CA GLY A 405 11.68 12.72 5.33
C GLY A 405 12.05 13.54 6.55
N GLU A 406 11.26 13.39 7.63
CA GLU A 406 11.44 14.22 8.83
C GLU A 406 12.51 13.62 9.72
N GLN A 407 13.59 14.37 9.93
CA GLN A 407 14.70 13.90 10.74
C GLN A 407 14.23 13.48 12.13
N SER A 408 13.41 14.31 12.78
CA SER A 408 12.97 13.98 14.14
C SER A 408 12.17 12.70 14.16
N VAL A 409 11.42 12.41 13.10
CA VAL A 409 10.68 11.15 13.02
C VAL A 409 11.63 9.98 12.77
N LYS A 410 12.62 10.16 11.89
CA LYS A 410 13.66 9.15 11.70
C LYS A 410 14.28 8.75 13.02
N GLU A 411 14.67 9.75 13.82
CA GLU A 411 15.38 9.46 15.07
C GLU A 411 14.43 8.82 16.09
N ASP A 412 13.17 9.25 16.12
CA ASP A 412 12.20 8.64 17.03
C ASP A 412 12.06 7.14 16.77
N ILE A 413 11.90 6.76 15.50
CA ILE A 413 11.80 5.34 15.18
C ILE A 413 13.12 4.65 15.48
N ALA A 414 14.24 5.34 15.21
CA ALA A 414 15.55 4.76 15.41
C ALA A 414 15.79 4.39 16.88
N LYS A 415 15.09 5.07 17.80
CA LYS A 415 15.18 4.69 19.20
C LYS A 415 14.73 3.25 19.43
N LEU A 416 13.95 2.68 18.52
CA LEU A 416 13.53 1.30 18.66
C LEU A 416 14.62 0.32 18.25
N LEU A 417 15.69 0.77 17.60
CA LEU A 417 16.65 -0.15 17.02
C LEU A 417 17.58 -0.70 18.09
N ARG A 418 18.04 -1.93 17.89
CA ARG A 418 18.94 -2.58 18.84
C ARG A 418 20.19 -3.06 18.11
N PHE A 419 21.33 -2.92 18.77
CA PHE A 419 22.61 -3.35 18.24
C PHE A 419 23.38 -3.97 19.38
N GLU A 420 24.54 -4.53 19.05
CA GLU A 420 25.52 -4.86 20.06
C GLU A 420 26.58 -3.77 20.05
N SER A 421 27.58 -3.92 20.90
CA SER A 421 28.60 -2.91 21.09
C SER A 421 29.95 -3.55 21.35
N SER A 422 31.01 -2.88 20.88
CA SER A 422 32.34 -3.26 21.30
C SER A 422 32.54 -3.08 22.80
N ALA A 423 31.78 -2.20 23.43
CA ALA A 423 31.97 -1.92 24.84
C ALA A 423 31.07 -2.77 25.74
N LEU A 424 30.34 -3.71 25.19
CA LEU A 424 29.47 -4.57 25.97
C LEU A 424 29.83 -6.02 25.69
N PRO A 425 29.48 -6.93 26.60
CA PRO A 425 29.69 -8.36 26.31
C PRO A 425 28.85 -8.81 25.13
N ALA A 426 29.34 -9.84 24.45
CA ALA A 426 28.66 -10.40 23.30
C ALA A 426 27.24 -10.80 23.66
N GLY A 427 26.33 -10.66 22.69
CA GLY A 427 24.93 -10.96 22.90
C GLY A 427 24.14 -9.87 23.58
N GLN A 428 24.79 -8.95 24.29
CA GLN A 428 24.07 -7.91 25.01
C GLN A 428 23.61 -6.81 24.05
N GLN A 429 22.31 -6.55 24.05
CA GLN A 429 21.74 -5.55 23.15
C GLN A 429 21.80 -4.17 23.80
N THR A 430 22.04 -3.17 22.96
CA THR A 430 22.14 -1.79 23.34
C THR A 430 21.40 -0.98 22.30
N SER A 431 21.31 0.32 22.52
CA SER A 431 20.56 1.23 21.66
C SER A 431 21.41 2.45 21.33
N LEU A 432 20.90 3.27 20.40
CA LEU A 432 21.59 4.52 20.09
C LEU A 432 21.65 5.42 21.31
N MET A 433 20.58 5.48 22.10
CA MET A 433 20.57 6.37 23.24
C MET A 433 21.56 5.92 24.30
N GLU A 434 21.75 4.61 24.47
CA GLU A 434 22.72 4.14 25.44
C GLU A 434 24.14 4.44 24.96
N TYR A 435 24.39 4.30 23.65
CA TYR A 435 25.66 4.72 23.08
C TYR A 435 25.90 6.20 23.31
N SER A 436 24.92 7.04 22.99
CA SER A 436 25.02 8.46 23.24
C SER A 436 25.45 8.74 24.67
N SER A 437 24.80 8.09 25.65
CA SER A 437 25.07 8.44 27.04
C SER A 437 26.46 7.99 27.49
N ARG A 438 27.06 6.99 26.85
CA ARG A 438 28.41 6.61 27.24
C ARG A 438 29.50 7.46 26.57
N MET A 439 29.12 8.38 25.69
CA MET A 439 30.11 9.12 24.93
C MET A 439 30.79 10.18 25.80
N LYS A 440 32.11 10.26 25.70
CA LYS A 440 32.83 11.28 26.45
C LYS A 440 32.35 12.67 26.01
N ALA A 441 32.59 13.65 26.90
CA ALA A 441 32.12 15.01 26.68
C ALA A 441 32.63 15.59 25.36
N GLY A 442 33.79 15.12 24.88
CA GLY A 442 34.35 15.66 23.66
C GLY A 442 33.91 15.01 22.37
N THR A 443 33.45 13.75 22.43
CA THR A 443 33.22 12.98 21.21
C THR A 443 32.06 13.56 20.40
N ARG A 444 32.19 13.51 19.07
CA ARG A 444 31.23 14.14 18.17
C ARG A 444 30.50 13.17 17.24
N ASN A 445 30.87 11.89 17.20
CA ASN A 445 30.34 10.96 16.21
C ASN A 445 30.01 9.62 16.84
N ILE A 446 29.11 8.90 16.18
CA ILE A 446 28.69 7.56 16.57
C ILE A 446 29.26 6.57 15.55
N TYR A 447 30.13 5.68 16.00
CA TYR A 447 30.81 4.75 15.11
C TYR A 447 30.05 3.44 15.09
N TYR A 448 29.86 2.90 13.90
CA TYR A 448 29.23 1.60 13.76
C TYR A 448 29.98 0.74 12.78
N LEU A 449 29.73 -0.56 12.86
CA LEU A 449 30.36 -1.55 12.00
C LEU A 449 29.30 -2.58 11.62
N CYS A 450 29.10 -2.78 10.33
CA CYS A 450 28.10 -3.73 9.84
C CYS A 450 28.80 -5.01 9.43
N ALA A 451 28.43 -6.12 10.07
CA ALA A 451 29.02 -7.43 9.84
C ALA A 451 27.96 -8.48 10.12
N PRO A 452 28.10 -9.67 9.51
CA PRO A 452 27.04 -10.69 9.64
C PRO A 452 26.78 -11.19 11.05
N ASN A 453 27.78 -11.24 11.92
CA ASN A 453 27.53 -11.72 13.26
C ASN A 453 28.56 -11.13 14.22
N ARG A 454 28.40 -11.48 15.50
CA ARG A 454 29.27 -10.92 16.54
C ARG A 454 30.73 -11.30 16.32
N HIS A 455 31.00 -12.58 15.98
CA HIS A 455 32.39 -12.99 15.82
C HIS A 455 33.07 -12.18 14.74
N LEU A 456 32.37 -11.94 13.62
CA LEU A 456 33.01 -11.29 12.49
C LEU A 456 33.30 -9.83 12.79
N ALA A 457 32.39 -9.14 13.47
CA ALA A 457 32.65 -7.74 13.82
C ALA A 457 33.82 -7.65 14.78
N GLU A 458 33.82 -8.48 15.82
CA GLU A 458 34.82 -8.44 16.87
C GLU A 458 36.22 -8.68 16.32
N HIS A 459 36.33 -9.45 15.25
CA HIS A 459 37.62 -9.81 14.65
C HIS A 459 37.79 -9.20 13.26
N SER A 460 36.86 -8.36 12.82
CA SER A 460 36.98 -7.67 11.55
C SER A 460 38.31 -6.92 11.46
N PRO A 461 38.96 -6.92 10.30
CA PRO A 461 40.08 -5.97 10.10
C PRO A 461 39.68 -4.54 10.37
N TYR A 462 38.44 -4.18 10.06
CA TYR A 462 37.98 -2.82 10.29
C TYR A 462 37.85 -2.51 11.78
N PHE A 463 37.48 -3.50 12.60
CA PHE A 463 37.43 -3.24 14.03
C PHE A 463 38.83 -3.21 14.66
N GLU A 464 39.75 -4.03 14.15
CA GLU A 464 41.14 -3.96 14.57
C GLU A 464 41.72 -2.57 14.34
N ALA A 465 41.38 -1.94 13.22
CA ALA A 465 41.83 -0.58 12.97
C ALA A 465 41.20 0.39 13.96
N MET A 466 39.92 0.19 14.29
CA MET A 466 39.23 1.06 15.23
C MET A 466 39.67 0.88 16.68
N LYS A 467 40.19 -0.30 17.05
CA LYS A 467 40.63 -0.52 18.42
C LYS A 467 41.79 0.39 18.81
N GLN A 468 42.50 0.94 17.82
CA GLN A 468 43.56 1.88 18.12
C GLN A 468 43.01 3.17 18.70
N LYS A 469 41.76 3.50 18.43
CA LYS A 469 41.10 4.70 18.92
C LYS A 469 40.40 4.41 20.25
N ASP A 470 39.80 5.44 20.83
CA ASP A 470 39.14 5.30 22.13
C ASP A 470 37.63 5.37 22.00
N MET A 471 37.09 4.79 20.93
CA MET A 471 35.70 4.97 20.57
C MET A 471 34.94 3.65 20.62
N GLU A 472 33.79 3.66 21.26
CA GLU A 472 32.87 2.53 21.20
C GLU A 472 32.37 2.34 19.77
N VAL A 473 32.16 1.08 19.39
CA VAL A 473 31.70 0.75 18.04
C VAL A 473 30.44 -0.09 18.15
N LEU A 474 29.32 0.44 17.65
CA LEU A 474 28.11 -0.35 17.48
C LEU A 474 28.32 -1.48 16.48
N PHE A 475 27.84 -2.67 16.82
CA PHE A 475 27.90 -3.82 15.92
C PHE A 475 26.50 -4.09 15.42
N CYS A 476 26.33 -4.16 14.10
CA CYS A 476 25.02 -4.28 13.49
C CYS A 476 25.04 -5.45 12.54
N PHE A 477 24.18 -6.43 12.80
CA PHE A 477 24.22 -7.73 12.17
C PHE A 477 23.16 -7.93 11.10
N GLU A 478 22.13 -7.09 11.05
CA GLU A 478 21.03 -7.31 10.13
C GLU A 478 21.38 -6.78 8.76
N GLN A 479 20.79 -7.42 7.74
CA GLN A 479 21.16 -7.16 6.35
C GLN A 479 21.01 -5.69 5.96
N PHE A 480 19.89 -5.07 6.33
CA PHE A 480 19.61 -3.69 5.94
C PHE A 480 19.98 -2.69 7.04
N ASP A 481 20.77 -3.10 8.01
CA ASP A 481 21.19 -2.14 9.03
C ASP A 481 21.97 -0.99 8.41
N GLU A 482 22.93 -1.29 7.54
CA GLU A 482 23.81 -0.23 7.06
C GLU A 482 23.04 0.79 6.27
N LEU A 483 22.21 0.32 5.34
CA LEU A 483 21.30 1.20 4.63
C LEU A 483 20.53 2.09 5.59
N THR A 484 20.01 1.52 6.67
CA THR A 484 19.23 2.29 7.64
C THR A 484 20.05 3.41 8.24
N LEU A 485 21.26 3.08 8.73
CA LEU A 485 22.09 4.09 9.36
C LEU A 485 22.53 5.15 8.36
N LEU A 486 22.79 4.75 7.11
CA LEU A 486 23.15 5.73 6.09
C LEU A 486 22.01 6.71 5.87
N HIS A 487 20.78 6.21 5.82
CA HIS A 487 19.64 7.09 5.67
C HIS A 487 19.41 7.91 6.94
N LEU A 488 19.66 7.33 8.12
CA LEU A 488 19.44 8.07 9.36
C LEU A 488 20.41 9.24 9.48
N ARG A 489 21.71 8.99 9.29
CA ARG A 489 22.77 9.98 9.05
C ARG A 489 23.29 10.58 10.35
N GLU A 490 22.38 11.08 11.17
CA GLU A 490 22.74 11.56 12.50
C GLU A 490 21.67 11.17 13.50
N PHE A 491 22.05 11.22 14.77
CA PHE A 491 21.15 10.91 15.85
C PHE A 491 21.56 11.79 17.01
N ASP A 492 20.59 12.47 17.61
CA ASP A 492 20.86 13.41 18.69
C ASP A 492 22.00 14.37 18.32
N ARG A 493 21.94 14.87 17.08
CA ARG A 493 22.93 15.81 16.52
C ARG A 493 24.34 15.23 16.42
N LYS A 494 24.51 13.92 16.57
CA LYS A 494 25.81 13.26 16.42
C LYS A 494 25.85 12.49 15.11
N LYS A 495 26.88 12.74 14.29
CA LYS A 495 26.96 12.16 12.97
C LYS A 495 27.36 10.69 13.04
N LEU A 496 26.66 9.84 12.28
CA LEU A 496 26.99 8.42 12.23
C LEU A 496 28.10 8.20 11.22
N ILE A 497 29.08 7.38 11.60
CA ILE A 497 30.23 7.13 10.73
C ILE A 497 30.61 5.66 10.85
N SER A 498 30.68 4.97 9.72
CA SER A 498 31.08 3.59 9.77
C SER A 498 32.58 3.48 10.00
N ALA A 499 32.99 2.36 10.60
CA ALA A 499 34.41 2.13 10.81
C ALA A 499 35.18 2.19 9.49
N GLU A 500 34.61 1.59 8.42
CA GLU A 500 35.31 1.56 7.12
C GLU A 500 35.53 2.98 6.60
N THR A 501 34.50 3.82 6.67
CA THR A 501 34.66 5.22 6.28
C THR A 501 35.72 5.91 7.13
N ASP A 502 35.67 5.69 8.45
CA ASP A 502 36.57 6.42 9.34
C ASP A 502 38.03 6.07 9.07
N ILE A 503 38.30 4.83 8.68
CA ILE A 503 39.66 4.41 8.37
C ILE A 503 40.20 5.19 7.16
N VAL A 504 39.35 5.46 6.18
CA VAL A 504 39.82 6.20 5.01
C VAL A 504 40.09 7.66 5.38
N VAL A 505 39.22 8.26 6.21
CA VAL A 505 39.36 9.68 6.52
C VAL A 505 40.64 9.92 7.31
N ASP A 506 41.09 8.92 8.07
CA ASP A 506 42.33 9.07 8.82
C ASP A 506 43.55 9.24 7.91
N HIS A 507 43.51 8.67 6.69
CA HIS A 507 44.64 8.88 5.77
C HIS A 507 44.87 10.34 5.48
N TYR A 508 43.82 11.15 5.60
CA TYR A 508 43.90 12.57 5.28
C TYR A 508 44.02 13.42 6.53
N LYS A 509 44.09 12.78 7.69
CA LYS A 509 44.44 13.40 8.95
C LYS A 509 45.84 12.95 9.35
N GLU A 510 46.28 13.37 10.53
CA GLU A 510 47.61 12.98 11.00
C GLU A 510 47.61 11.52 11.38
N GLU A 511 47.86 10.65 10.39
CA GLU A 511 47.97 9.22 10.60
C GLU A 511 49.00 8.92 11.70
N LYS A 512 48.57 9.05 12.95
CA LYS A 512 49.45 8.82 14.09
C LYS A 512 49.17 7.47 14.72
N PHE A 513 49.36 6.40 13.94
CA PHE A 513 49.05 5.04 14.37
C PHE A 513 50.30 4.16 14.35
N GLN A 514 50.40 3.28 15.35
CA GLN A 514 51.57 2.45 15.55
C GLN A 514 51.20 0.99 15.36
N ASP A 515 52.14 0.22 14.83
CA ASP A 515 51.88 -1.15 14.42
C ASP A 515 51.72 -2.06 15.63
N SER A 516 51.14 -3.24 15.40
CA SER A 516 50.90 -4.19 16.48
C SER A 516 52.11 -5.09 16.76
N LYS A 517 53.02 -5.24 15.78
CA LYS A 517 54.29 -5.96 15.91
C LYS A 517 55.45 -4.97 15.82
N PRO A 518 56.50 -5.14 16.63
CA PRO A 518 57.63 -4.19 16.58
C PRO A 518 58.35 -4.29 15.24
N ALA A 519 59.07 -3.20 14.92
CA ALA A 519 59.66 -3.06 13.58
C ALA A 519 60.49 -4.27 13.15
N SER A 520 61.01 -5.05 14.09
CA SER A 520 61.74 -6.26 13.73
C SER A 520 60.87 -7.22 12.93
N GLU A 521 59.58 -7.27 13.25
CA GLU A 521 58.66 -8.28 12.74
C GLU A 521 58.01 -7.88 11.42
N ARG A 522 58.32 -6.70 10.89
CA ARG A 522 57.75 -6.21 9.64
C ARG A 522 58.81 -6.16 8.56
N LEU A 523 58.35 -6.18 7.31
CA LEU A 523 59.25 -5.93 6.19
C LEU A 523 59.90 -4.57 6.35
N SER A 524 61.15 -4.46 5.90
CA SER A 524 61.77 -3.14 5.87
C SER A 524 61.08 -2.28 4.82
N SER A 525 61.31 -0.97 4.90
CA SER A 525 60.68 -0.07 3.94
C SER A 525 61.09 -0.39 2.52
N GLU A 526 62.38 -0.71 2.31
CA GLU A 526 62.86 -1.10 0.99
C GLU A 526 62.14 -2.33 0.48
N GLN A 527 61.85 -3.28 1.38
CA GLN A 527 61.17 -4.51 0.99
C GLN A 527 59.70 -4.27 0.73
N ALA A 528 59.05 -3.46 1.56
CA ALA A 528 57.66 -3.10 1.33
C ALA A 528 57.51 -2.41 -0.02
N GLU A 529 58.32 -1.38 -0.27
CA GLU A 529 58.17 -0.63 -1.52
C GLU A 529 58.45 -1.49 -2.73
N ASP A 530 59.40 -2.42 -2.61
CA ASP A 530 59.64 -3.37 -3.68
C ASP A 530 58.43 -4.28 -3.87
N LEU A 531 57.83 -4.75 -2.77
CA LEU A 531 56.62 -5.55 -2.87
C LEU A 531 55.47 -4.77 -3.50
N LEU A 532 55.24 -3.54 -3.02
CA LEU A 532 54.11 -2.77 -3.52
C LEU A 532 54.25 -2.46 -5.00
N ALA A 533 55.48 -2.18 -5.45
CA ALA A 533 55.66 -1.90 -6.88
C ALA A 533 55.33 -3.14 -7.72
N TRP A 534 55.69 -4.32 -7.22
CA TRP A 534 55.28 -5.56 -7.88
C TRP A 534 53.77 -5.74 -7.86
N MET A 535 53.12 -5.48 -6.71
CA MET A 535 51.67 -5.66 -6.64
C MET A 535 50.93 -4.72 -7.58
N ARG A 536 51.40 -3.49 -7.72
CA ARG A 536 50.71 -2.56 -8.58
C ARG A 536 50.70 -3.06 -10.02
N ASN A 537 51.81 -3.66 -10.47
CA ASN A 537 51.86 -4.19 -11.83
C ASN A 537 51.00 -5.43 -12.01
N ALA A 538 50.94 -6.29 -10.99
CA ALA A 538 50.13 -7.50 -11.12
C ALA A 538 48.62 -7.25 -11.01
N LEU A 539 48.19 -6.18 -10.33
CA LEU A 539 46.78 -5.87 -10.15
C LEU A 539 46.37 -4.58 -10.85
N VAL A 540 46.95 -4.31 -12.02
CA VAL A 540 46.98 -2.94 -12.55
C VAL A 540 45.57 -2.45 -12.87
N GLN A 541 44.72 -3.32 -13.39
CA GLN A 541 43.37 -2.89 -13.73
C GLN A 541 42.34 -3.39 -12.71
N ARG A 542 42.63 -3.20 -11.42
CA ARG A 542 41.69 -3.61 -10.38
C ARG A 542 41.61 -2.66 -9.20
N VAL A 543 42.70 -2.01 -8.78
CA VAL A 543 42.71 -1.20 -7.58
C VAL A 543 43.24 0.20 -7.89
N THR A 544 42.67 1.21 -7.24
CA THR A 544 43.10 2.59 -7.48
C THR A 544 44.49 2.83 -6.92
N ASN A 545 44.76 2.33 -5.71
CA ASN A 545 46.10 2.36 -5.19
C ASN A 545 46.26 1.22 -4.18
N ILE A 546 47.52 0.98 -3.85
CA ILE A 546 47.94 -0.10 -2.96
C ILE A 546 48.92 0.52 -1.98
N LYS A 547 48.66 0.36 -0.69
CA LYS A 547 49.48 0.98 0.35
C LYS A 547 49.71 0.01 1.50
N VAL A 548 50.77 0.26 2.25
CA VAL A 548 50.95 -0.38 3.55
C VAL A 548 50.13 0.37 4.58
N THR A 549 49.54 -0.37 5.54
CA THR A 549 48.82 0.20 6.67
C THR A 549 49.38 -0.32 8.00
N PRO A 550 49.54 0.54 9.00
CA PRO A 550 50.00 0.10 10.32
C PRO A 550 48.88 -0.42 11.22
N ARG A 551 47.67 -0.59 10.71
CA ARG A 551 46.48 -0.69 11.55
C ARG A 551 45.86 -2.08 11.62
N LEU A 552 46.44 -3.08 10.97
CA LEU A 552 45.97 -4.45 11.02
C LEU A 552 46.89 -5.29 11.90
N ASP A 553 46.36 -6.41 12.38
CA ASP A 553 47.17 -7.34 13.16
C ASP A 553 46.96 -8.77 12.68
N THR A 554 45.76 -9.30 12.90
CA THR A 554 45.40 -10.64 12.45
C THR A 554 45.39 -10.74 10.92
N HIS A 555 44.99 -9.67 10.25
CA HIS A 555 44.71 -9.81 8.83
C HIS A 555 45.89 -9.35 7.98
N PRO A 556 46.03 -9.94 6.80
CA PRO A 556 47.13 -9.54 5.92
C PRO A 556 46.80 -8.29 5.14
N ALA A 557 45.51 -8.01 4.94
CA ALA A 557 45.17 -6.94 4.03
C ALA A 557 43.69 -6.64 4.16
N MET A 558 43.32 -5.42 3.77
CA MET A 558 41.93 -5.04 3.71
C MET A 558 41.71 -4.13 2.51
N ILE A 559 40.48 -4.11 2.03
CA ILE A 559 40.04 -3.18 1.00
C ILE A 559 39.40 -1.99 1.70
N THR A 560 39.72 -0.78 1.25
CA THR A 560 39.04 0.41 1.78
C THR A 560 38.44 1.23 0.65
N VAL A 561 37.29 1.82 0.97
CA VAL A 561 36.51 2.69 0.10
C VAL A 561 35.87 3.73 0.99
N LEU A 562 36.05 5.01 0.65
CA LEU A 562 35.52 6.07 1.51
C LEU A 562 34.03 5.84 1.80
N GLU A 563 33.23 5.75 0.74
CA GLU A 563 31.79 5.54 0.90
C GLU A 563 31.49 4.05 0.76
N MET A 564 32.02 3.31 1.75
CA MET A 564 31.94 1.86 1.72
C MET A 564 30.49 1.38 1.79
N GLY A 565 29.72 1.93 2.74
CA GLY A 565 28.32 1.56 2.87
C GLY A 565 27.52 1.82 1.59
N ALA A 566 27.75 2.96 0.95
CA ALA A 566 27.04 3.19 -0.32
C ALA A 566 27.51 2.24 -1.40
N ALA A 567 28.79 1.84 -1.40
CA ALA A 567 29.23 0.88 -2.42
C ALA A 567 28.62 -0.49 -2.20
N ARG A 568 28.51 -0.94 -0.95
CA ARG A 568 27.86 -2.21 -0.67
C ARG A 568 26.42 -2.20 -1.15
N HIS A 569 25.71 -1.11 -0.89
CA HIS A 569 24.31 -1.07 -1.28
C HIS A 569 24.17 -1.03 -2.79
N PHE A 570 25.01 -0.23 -3.46
CA PHE A 570 24.97 -0.15 -4.92
C PHE A 570 25.13 -1.53 -5.56
N LEU A 571 25.92 -2.42 -4.96
CA LEU A 571 25.94 -3.81 -5.43
C LEU A 571 24.66 -4.49 -4.96
N ARG A 572 23.58 -4.27 -5.71
CA ARG A 572 22.27 -4.83 -5.38
C ARG A 572 21.66 -5.60 -6.55
N THR A 573 22.48 -6.06 -7.51
CA THR A 573 22.01 -7.01 -8.52
C THR A 573 22.07 -8.44 -7.96
N ILE A 586 35.78 -1.31 -10.84
CA ILE A 586 34.45 -0.76 -11.06
C ILE A 586 34.24 0.45 -10.15
N LEU A 587 34.90 0.42 -8.98
CA LEU A 587 34.96 1.57 -8.08
C LEU A 587 36.41 2.00 -7.88
N GLN A 588 36.70 2.75 -6.81
CA GLN A 588 38.05 3.23 -6.57
C GLN A 588 38.65 2.60 -5.32
N PRO A 589 38.81 1.29 -5.27
CA PRO A 589 39.15 0.64 -4.00
C PRO A 589 40.65 0.71 -3.76
N THR A 590 41.00 0.73 -2.48
CA THR A 590 42.40 0.70 -2.09
C THR A 590 42.68 -0.59 -1.35
N LEU A 591 43.80 -1.23 -1.69
CA LEU A 591 44.27 -2.43 -1.04
C LEU A 591 45.36 -2.04 -0.06
N GLU A 592 45.14 -2.30 1.22
CA GLU A 592 46.10 -1.91 2.25
C GLU A 592 46.67 -3.17 2.90
N ILE A 593 47.99 -3.23 2.97
CA ILE A 593 48.68 -4.47 3.34
C ILE A 593 49.35 -4.31 4.70
N ASN A 594 49.35 -5.41 5.44
CA ASN A 594 49.99 -5.54 6.74
C ASN A 594 51.34 -6.22 6.53
N THR A 595 52.41 -5.42 6.51
CA THR A 595 53.74 -5.98 6.25
C THR A 595 54.34 -6.65 7.48
N GLY A 596 53.58 -6.77 8.58
CA GLY A 596 53.93 -7.69 9.63
C GLY A 596 53.24 -9.04 9.54
N HIS A 597 52.34 -9.26 8.58
CA HIS A 597 51.63 -10.53 8.50
C HIS A 597 52.47 -11.56 7.75
N ASP A 598 52.47 -12.81 8.27
CA ASP A 598 53.31 -13.84 7.69
C ASP A 598 52.93 -14.14 6.24
N LEU A 599 51.67 -13.93 5.87
CA LEU A 599 51.27 -14.16 4.49
C LEU A 599 51.84 -13.10 3.56
N ILE A 600 51.80 -11.84 3.97
CA ILE A 600 52.41 -10.77 3.20
C ILE A 600 53.91 -10.95 3.12
N LYS A 601 54.56 -11.28 4.25
CA LYS A 601 56.00 -11.47 4.22
C LYS A 601 56.36 -12.63 3.32
N LYS A 602 55.51 -13.66 3.27
CA LYS A 602 55.78 -14.77 2.35
C LYS A 602 55.55 -14.35 0.92
N LEU A 603 54.50 -13.55 0.66
CA LEU A 603 54.26 -13.08 -0.70
C LEU A 603 55.49 -12.32 -1.22
N HIS A 604 56.08 -11.49 -0.37
CA HIS A 604 57.30 -10.76 -0.73
C HIS A 604 58.44 -11.71 -1.10
N ALA A 605 58.51 -12.88 -0.48
CA ALA A 605 59.53 -13.85 -0.86
C ALA A 605 59.14 -14.59 -2.13
N LEU A 606 57.86 -14.96 -2.25
CA LEU A 606 57.42 -15.73 -3.42
C LEU A 606 57.62 -14.96 -4.73
N LYS A 607 57.51 -13.64 -4.70
CA LYS A 607 57.59 -12.87 -5.95
C LYS A 607 58.93 -13.07 -6.65
N ASP A 608 59.97 -13.40 -5.91
CA ASP A 608 61.26 -13.72 -6.50
C ASP A 608 61.56 -15.21 -6.54
N SER A 609 61.07 -15.99 -5.57
CA SER A 609 61.37 -17.42 -5.55
C SER A 609 60.45 -18.21 -6.47
N ASN A 610 59.23 -17.72 -6.70
CA ASN A 610 58.27 -18.39 -7.57
C ASN A 610 57.28 -17.36 -8.06
N PRO A 611 57.67 -16.53 -9.03
CA PRO A 611 56.84 -15.37 -9.40
C PRO A 611 55.41 -15.72 -9.76
N GLU A 612 55.22 -16.87 -10.41
CA GLU A 612 53.88 -17.28 -10.84
C GLU A 612 53.02 -17.70 -9.66
N LEU A 613 53.61 -18.41 -8.70
CA LEU A 613 52.86 -18.73 -7.48
C LEU A 613 52.53 -17.48 -6.69
N ALA A 614 53.44 -16.50 -6.67
CA ALA A 614 53.15 -15.25 -5.98
C ALA A 614 51.96 -14.53 -6.61
N GLN A 615 51.87 -14.57 -7.94
CA GLN A 615 50.77 -13.87 -8.59
C GLN A 615 49.44 -14.54 -8.30
N LEU A 616 49.39 -15.87 -8.31
CA LEU A 616 48.16 -16.54 -7.93
C LEU A 616 47.81 -16.24 -6.48
N LEU A 617 48.83 -16.11 -5.62
CA LEU A 617 48.58 -15.79 -4.21
C LEU A 617 48.11 -14.35 -4.05
N LEU A 618 48.79 -13.41 -4.72
CA LEU A 618 48.36 -12.01 -4.69
C LEU A 618 46.90 -11.90 -5.12
N GLU A 619 46.53 -12.59 -6.20
CA GLU A 619 45.16 -12.55 -6.67
C GLU A 619 44.18 -13.04 -5.60
N GLN A 620 44.54 -14.08 -4.86
CA GLN A 620 43.64 -14.60 -3.83
C GLN A 620 43.55 -13.67 -2.62
N ILE A 621 44.64 -13.01 -2.25
CA ILE A 621 44.61 -12.06 -1.13
C ILE A 621 43.70 -10.89 -1.44
N TYR A 622 43.79 -10.37 -2.66
CA TYR A 622 42.86 -9.35 -3.13
C TYR A 622 41.41 -9.83 -3.02
N ASP A 623 41.16 -11.04 -3.50
CA ASP A 623 39.80 -11.58 -3.47
C ASP A 623 39.31 -11.77 -2.05
N ASN A 624 40.16 -12.32 -1.17
CA ASN A 624 39.76 -12.46 0.22
C ASN A 624 39.41 -11.11 0.81
N ALA A 625 40.19 -10.07 0.50
CA ALA A 625 39.95 -8.75 1.09
C ALA A 625 38.66 -8.16 0.56
N MET A 626 38.40 -8.33 -0.75
CA MET A 626 37.12 -7.91 -1.33
C MET A 626 35.93 -8.57 -0.64
N ILE A 627 36.02 -9.89 -0.42
CA ILE A 627 34.97 -10.61 0.29
C ILE A 627 34.83 -10.07 1.71
N ALA A 628 35.95 -9.94 2.42
CA ALA A 628 35.91 -9.38 3.77
C ALA A 628 35.30 -7.97 3.77
N ALA A 629 35.50 -7.21 2.69
CA ALA A 629 34.91 -5.89 2.55
C ALA A 629 33.42 -5.95 2.23
N GLY A 630 32.87 -7.13 1.99
CA GLY A 630 31.52 -7.20 1.48
C GLY A 630 31.34 -6.63 0.08
N LEU A 631 32.42 -6.46 -0.68
CA LEU A 631 32.36 -5.87 -2.02
C LEU A 631 32.55 -6.91 -3.12
N ASN A 632 32.45 -8.19 -2.79
CA ASN A 632 32.68 -9.25 -3.78
C ASN A 632 31.45 -9.48 -4.65
N GLU A 633 31.69 -9.64 -5.95
CA GLU A 633 30.64 -10.17 -6.83
C GLU A 633 30.52 -11.67 -6.62
N ASP A 634 29.99 -12.39 -7.60
CA ASP A 634 29.70 -13.81 -7.43
C ASP A 634 30.97 -14.56 -7.03
N PRO A 635 31.00 -15.23 -5.87
CA PRO A 635 32.24 -15.90 -5.42
C PRO A 635 32.53 -17.21 -6.12
N ARG A 636 31.62 -17.71 -6.97
CA ARG A 636 31.82 -19.03 -7.56
C ARG A 636 33.00 -19.08 -8.52
N PRO A 637 33.20 -18.10 -9.43
CA PRO A 637 34.37 -18.20 -10.33
C PRO A 637 35.71 -18.12 -9.61
N MET A 638 35.75 -17.63 -8.37
CA MET A 638 36.98 -17.63 -7.60
C MET A 638 37.44 -19.04 -7.20
N ILE A 639 36.50 -19.99 -7.11
CA ILE A 639 36.81 -21.30 -6.54
C ILE A 639 37.87 -22.03 -7.36
N SER A 640 37.86 -21.85 -8.69
CA SER A 640 38.83 -22.55 -9.54
C SER A 640 40.24 -22.06 -9.26
N ARG A 641 40.42 -20.73 -9.21
CA ARG A 641 41.74 -20.19 -8.89
C ARG A 641 42.18 -20.64 -7.51
N LEU A 642 41.27 -20.59 -6.53
CA LEU A 642 41.60 -21.02 -5.17
C LEU A 642 41.98 -22.49 -5.14
N ASN A 643 41.18 -23.35 -5.79
CA ASN A 643 41.53 -24.76 -5.90
C ASN A 643 42.84 -24.95 -6.63
N GLN A 644 43.05 -24.21 -7.72
CA GLN A 644 44.34 -24.29 -8.40
C GLN A 644 45.46 -23.79 -7.50
N LEU A 645 45.22 -22.68 -6.79
CA LEU A 645 46.21 -22.19 -5.83
C LEU A 645 46.48 -23.21 -4.73
N LEU A 646 45.42 -23.82 -4.19
CA LEU A 646 45.60 -24.74 -3.07
C LEU A 646 46.53 -25.89 -3.44
N THR A 647 46.30 -26.52 -4.59
CA THR A 647 47.16 -27.64 -4.97
C THR A 647 48.60 -27.18 -5.16
N ARG A 648 48.80 -26.05 -5.85
CA ARG A 648 50.15 -25.59 -6.11
C ARG A 648 50.85 -25.24 -4.81
N ALA A 649 50.13 -24.63 -3.86
CA ALA A 649 50.72 -24.32 -2.57
C ALA A 649 51.12 -25.58 -1.84
N LEU A 650 50.24 -26.58 -1.84
CA LEU A 650 50.46 -27.85 -1.16
C LEU A 650 51.37 -28.78 -1.93
N GLU A 651 52.05 -28.28 -2.95
CA GLU A 651 52.98 -29.05 -3.80
C GLU A 651 52.26 -30.11 -4.61
N THR B 19 -35.76 -24.18 19.44
CA THR B 19 -34.85 -23.36 20.25
C THR B 19 -34.90 -21.91 19.74
N LEU B 20 -35.83 -21.68 18.81
CA LEU B 20 -35.97 -20.41 18.11
C LEU B 20 -36.72 -19.39 18.96
N HIS B 21 -36.47 -18.11 18.67
CA HIS B 21 -37.23 -17.04 19.31
C HIS B 21 -37.45 -15.94 18.26
N ASN B 22 -38.59 -15.99 17.59
CA ASN B 22 -38.95 -15.03 16.55
C ASN B 22 -40.25 -14.35 16.93
N ILE B 23 -40.32 -13.03 16.72
CA ILE B 23 -41.49 -12.25 17.07
C ILE B 23 -42.18 -11.67 15.84
N ILE B 24 -41.64 -11.91 14.64
CA ILE B 24 -42.20 -11.34 13.41
C ILE B 24 -43.34 -12.24 12.95
N THR B 25 -44.55 -11.71 12.94
CA THR B 25 -45.75 -12.48 12.61
C THR B 25 -46.69 -11.64 11.75
N ASP B 26 -47.48 -12.34 10.93
CA ASP B 26 -48.48 -11.71 10.06
C ASP B 26 -49.76 -11.50 10.87
N THR B 27 -49.82 -10.38 11.58
CA THR B 27 -50.93 -10.10 12.48
C THR B 27 -51.63 -8.79 12.18
N GLU B 28 -51.09 -7.97 11.29
CA GLU B 28 -51.63 -6.65 11.03
C GLU B 28 -52.63 -6.69 9.89
N ASN B 29 -53.72 -5.96 10.05
CA ASN B 29 -54.72 -5.80 9.00
C ASN B 29 -55.15 -4.35 8.99
N VAL B 30 -55.23 -3.76 7.79
CA VAL B 30 -55.63 -2.36 7.66
C VAL B 30 -57.11 -2.23 7.96
N GLN B 31 -57.45 -1.34 8.88
CA GLN B 31 -58.83 -0.98 9.14
C GLN B 31 -58.94 0.53 9.16
N GLY B 32 -59.74 1.07 8.25
CA GLY B 32 -59.86 2.49 8.04
C GLY B 32 -59.62 2.81 6.58
N SER B 33 -59.30 4.06 6.31
CA SER B 33 -59.05 4.55 4.96
C SER B 33 -57.59 4.94 4.80
N PHE B 34 -57.20 5.19 3.55
CA PHE B 34 -55.90 5.77 3.24
C PHE B 34 -55.94 7.27 3.39
N SER B 35 -54.90 7.84 3.99
CA SER B 35 -54.55 9.23 3.78
C SER B 35 -53.27 9.25 2.96
N LYS B 36 -53.35 9.77 1.74
CA LYS B 36 -52.23 9.82 0.82
C LYS B 36 -51.45 11.12 1.02
N HIS B 37 -50.12 11.01 1.09
CA HIS B 37 -49.26 12.17 1.31
C HIS B 37 -48.13 12.14 0.31
N GLU B 38 -47.57 13.32 0.05
CA GLU B 38 -46.39 13.43 -0.80
C GLU B 38 -45.15 13.58 0.06
N PHE B 39 -44.07 12.94 -0.37
CA PHE B 39 -42.78 13.13 0.28
C PHE B 39 -42.38 14.60 0.23
N GLN B 40 -41.79 15.07 1.31
CA GLN B 40 -41.29 16.43 1.39
C GLN B 40 -39.84 16.43 1.85
N ALA B 41 -39.29 17.62 2.09
CA ALA B 41 -37.90 17.76 2.51
C ALA B 41 -37.77 18.96 3.44
N GLU B 42 -36.92 18.83 4.47
CA GLU B 42 -36.65 19.92 5.42
C GLU B 42 -35.53 20.77 4.84
N THR B 43 -35.92 21.84 4.13
CA THR B 43 -35.03 22.52 3.21
C THR B 43 -33.81 23.12 3.91
N LYS B 44 -33.98 23.68 5.11
CA LYS B 44 -32.86 24.29 5.80
C LYS B 44 -31.79 23.25 6.16
N LYS B 45 -32.21 22.14 6.78
CA LYS B 45 -31.25 21.11 7.16
C LYS B 45 -30.65 20.44 5.93
N LEU B 46 -31.39 20.39 4.82
CA LEU B 46 -30.83 19.83 3.60
C LEU B 46 -29.74 20.72 3.00
N LEU B 47 -29.90 22.04 3.03
CA LEU B 47 -28.79 22.92 2.61
C LEU B 47 -27.54 22.61 3.42
N ASP B 48 -27.71 22.43 4.73
CA ASP B 48 -26.58 22.16 5.59
C ASP B 48 -25.90 20.86 5.21
N ILE B 49 -26.67 19.81 4.95
CA ILE B 49 -26.10 18.52 4.54
C ILE B 49 -25.32 18.66 3.23
N VAL B 50 -26.01 19.10 2.17
CA VAL B 50 -25.41 19.15 0.84
C VAL B 50 -24.32 20.21 0.78
N ALA B 51 -24.27 21.12 1.75
CA ALA B 51 -23.17 22.07 1.77
C ALA B 51 -21.98 21.56 2.54
N ARG B 52 -22.19 20.80 3.62
CA ARG B 52 -21.11 20.44 4.51
C ARG B 52 -20.81 18.96 4.62
N SER B 53 -21.78 18.06 4.44
CA SER B 53 -21.58 16.65 4.79
C SER B 53 -21.45 15.73 3.56
N LEU B 54 -21.15 16.27 2.39
CA LEU B 54 -21.12 15.44 1.18
C LEU B 54 -19.73 14.95 0.83
N TYR B 55 -18.73 15.80 0.95
CA TYR B 55 -17.41 15.61 0.36
C TYR B 55 -16.39 15.35 1.45
N SER B 56 -15.28 14.77 1.05
CA SER B 56 -14.30 14.47 2.08
C SER B 56 -13.33 15.60 2.34
N GLU B 57 -13.43 16.71 1.58
CA GLU B 57 -12.51 17.83 1.70
C GLU B 57 -13.23 19.11 1.34
N LYS B 58 -13.07 20.14 2.18
CA LYS B 58 -13.63 21.47 1.88
C LYS B 58 -13.21 21.99 0.51
N GLU B 59 -11.98 21.71 0.10
CA GLU B 59 -11.41 22.26 -1.13
C GLU B 59 -12.21 21.90 -2.36
N VAL B 60 -13.10 20.91 -2.27
CA VAL B 60 -13.86 20.48 -3.44
C VAL B 60 -14.77 21.59 -4.00
N PHE B 61 -15.08 22.63 -3.22
CA PHE B 61 -15.94 23.68 -3.77
C PHE B 61 -15.36 24.31 -5.04
N ILE B 62 -14.03 24.31 -5.18
CA ILE B 62 -13.38 24.87 -6.36
C ILE B 62 -13.61 23.96 -7.56
N ARG B 63 -13.48 22.65 -7.36
CA ARG B 63 -13.83 21.67 -8.38
C ARG B 63 -15.25 21.89 -8.89
N GLU B 64 -16.18 22.12 -7.96
CA GLU B 64 -17.60 22.22 -8.31
C GLU B 64 -17.88 23.50 -9.09
N LEU B 65 -17.34 24.64 -8.63
CA LEU B 65 -17.61 25.91 -9.31
C LEU B 65 -16.94 25.99 -10.68
N ILE B 66 -15.75 25.39 -10.82
CA ILE B 66 -15.10 25.32 -12.13
C ILE B 66 -15.88 24.39 -13.08
N SER B 67 -16.39 23.26 -12.57
CA SER B 67 -17.23 22.41 -13.41
C SER B 67 -18.47 23.15 -13.86
N ASN B 68 -19.07 23.95 -12.97
CA ASN B 68 -20.24 24.72 -13.38
C ASN B 68 -19.87 25.74 -14.45
N GLY B 69 -18.71 26.39 -14.31
CA GLY B 69 -18.30 27.37 -15.29
C GLY B 69 -18.07 26.74 -16.64
N SER B 70 -17.42 25.57 -16.64
CA SER B 70 -17.20 24.79 -17.85
C SER B 70 -18.51 24.47 -18.54
N ASP B 71 -19.50 24.01 -17.77
CA ASP B 71 -20.80 23.67 -18.35
C ASP B 71 -21.47 24.90 -18.95
N ALA B 72 -21.36 26.04 -18.27
CA ALA B 72 -21.86 27.29 -18.81
C ALA B 72 -21.17 27.62 -20.13
N LEU B 73 -19.87 27.36 -20.21
CA LEU B 73 -19.14 27.62 -21.45
C LEU B 73 -19.53 26.61 -22.53
N GLU B 74 -19.71 25.34 -22.14
CA GLU B 74 -20.18 24.34 -23.11
C GLU B 74 -21.56 24.68 -23.64
N LYS B 75 -22.45 25.17 -22.78
CA LYS B 75 -23.75 25.53 -23.32
C LYS B 75 -23.64 26.68 -24.31
N LEU B 76 -22.71 27.62 -24.09
CA LEU B 76 -22.61 28.76 -25.01
C LEU B 76 -22.06 28.30 -26.35
N ARG B 77 -21.04 27.45 -26.31
CA ARG B 77 -20.51 26.89 -27.54
C ARG B 77 -21.60 26.16 -28.29
N HIS B 78 -22.45 25.42 -27.59
CA HIS B 78 -23.50 24.68 -28.28
C HIS B 78 -24.54 25.63 -28.88
N ARG B 79 -24.86 26.72 -28.18
CA ARG B 79 -25.80 27.70 -28.75
C ARG B 79 -25.26 28.26 -30.05
N MET B 80 -23.95 28.45 -30.13
CA MET B 80 -23.35 29.10 -31.28
C MET B 80 -23.23 28.20 -32.52
N ILE B 81 -23.54 26.91 -32.42
CA ILE B 81 -23.61 26.08 -33.64
C ILE B 81 -24.70 26.62 -34.55
N THR B 82 -25.86 26.96 -33.98
CA THR B 82 -26.95 27.53 -34.77
C THR B 82 -27.02 29.04 -34.67
N ALA B 83 -26.89 29.60 -33.48
CA ALA B 83 -26.97 31.04 -33.31
C ALA B 83 -25.72 31.75 -33.80
N GLY B 84 -24.58 31.06 -33.84
CA GLY B 84 -23.33 31.62 -34.34
C GLY B 84 -22.93 32.98 -33.80
N GLY B 85 -23.02 33.16 -32.48
CA GLY B 85 -22.67 34.44 -31.88
C GLY B 85 -21.29 34.94 -32.22
N ASP B 86 -20.29 34.57 -31.42
CA ASP B 86 -18.92 35.02 -31.65
C ASP B 86 -17.93 33.86 -31.69
N ALA B 88 -16.13 36.45 -28.65
CA ALA B 88 -16.45 36.03 -27.29
C ALA B 88 -15.47 34.95 -26.83
N PRO B 89 -14.49 35.33 -26.03
CA PRO B 89 -13.59 34.33 -25.45
C PRO B 89 -14.28 33.55 -24.36
N MET B 90 -13.88 32.30 -24.24
CA MET B 90 -14.52 31.29 -23.40
C MET B 90 -13.49 30.86 -22.38
N GLU B 91 -13.64 31.38 -21.17
CA GLU B 91 -12.58 31.38 -20.17
C GLU B 91 -13.20 31.31 -18.78
N ILE B 92 -12.44 30.73 -17.85
CA ILE B 92 -12.78 30.70 -16.44
C ILE B 92 -11.69 31.49 -15.72
N HIS B 93 -12.08 32.54 -14.99
CA HIS B 93 -11.14 33.36 -14.24
C HIS B 93 -11.35 33.21 -12.73
N LEU B 94 -10.25 33.07 -12.02
CA LEU B 94 -10.23 32.95 -10.57
C LEU B 94 -9.44 34.12 -10.02
N GLN B 95 -9.89 34.69 -8.90
CA GLN B 95 -9.17 35.78 -8.28
C GLN B 95 -9.22 35.64 -6.76
N THR B 96 -8.05 35.69 -6.12
CA THR B 96 -7.96 35.68 -4.67
C THR B 96 -7.68 37.08 -4.14
N ASP B 97 -8.13 37.33 -2.92
CA ASP B 97 -7.84 38.60 -2.24
C ASP B 97 -7.62 38.26 -0.77
N SER B 98 -6.36 38.25 -0.36
CA SER B 98 -6.00 37.82 0.98
C SER B 98 -6.23 38.89 2.06
N VAL B 99 -6.53 40.13 1.69
CA VAL B 99 -6.87 41.18 2.66
C VAL B 99 -8.34 41.14 3.03
N LYS B 100 -9.22 41.09 2.02
CA LYS B 100 -10.64 40.93 2.25
C LYS B 100 -11.05 39.49 2.49
N GLY B 101 -10.14 38.55 2.28
CA GLY B 101 -10.46 37.13 2.45
C GLY B 101 -11.51 36.60 1.49
N THR B 102 -11.42 36.91 0.20
CA THR B 102 -12.44 36.46 -0.75
C THR B 102 -11.82 35.57 -1.82
N PHE B 103 -12.69 34.76 -2.39
CA PHE B 103 -12.37 33.93 -3.54
C PHE B 103 -13.45 34.22 -4.58
N THR B 104 -13.03 34.54 -5.79
CA THR B 104 -13.95 34.89 -6.87
C THR B 104 -13.69 34.03 -8.10
N ILE B 105 -14.76 33.55 -8.73
CA ILE B 105 -14.65 32.82 -9.99
C ILE B 105 -15.61 33.44 -11.00
N GLN B 106 -15.11 33.71 -12.21
CA GLN B 106 -15.94 34.28 -13.26
C GLN B 106 -15.77 33.48 -14.55
N ASP B 107 -16.90 33.12 -15.16
CA ASP B 107 -16.90 32.49 -16.47
C ASP B 107 -17.64 33.39 -17.46
N THR B 108 -17.31 33.24 -18.73
CA THR B 108 -17.92 34.02 -19.79
C THR B 108 -18.90 33.17 -20.59
N GLY B 109 -19.66 32.31 -19.91
CA GLY B 109 -20.58 31.38 -20.56
C GLY B 109 -21.98 31.92 -20.63
N VAL B 110 -22.98 31.01 -20.68
CA VAL B 110 -24.34 31.45 -20.99
C VAL B 110 -24.95 32.36 -19.92
N GLY B 111 -24.39 32.38 -18.70
CA GLY B 111 -25.05 33.21 -17.70
C GLY B 111 -26.47 32.71 -17.38
N MET B 112 -27.20 33.53 -16.63
CA MET B 112 -28.50 33.16 -16.05
C MET B 112 -29.34 34.42 -15.92
N ASN B 113 -30.55 34.41 -16.50
CA ASN B 113 -31.51 35.48 -16.25
C ASN B 113 -32.14 35.29 -14.86
N LYS B 114 -33.07 36.17 -14.49
CA LYS B 114 -33.59 36.12 -13.11
C LYS B 114 -34.34 34.82 -12.86
N GLU B 115 -35.08 34.34 -13.87
CA GLU B 115 -35.82 33.09 -13.69
C GLU B 115 -34.86 31.94 -13.43
N ASP B 116 -33.76 31.87 -14.18
CA ASP B 116 -32.87 30.73 -14.06
C ASP B 116 -32.03 30.79 -12.79
N LEU B 117 -31.66 31.99 -12.35
CA LEU B 117 -31.04 32.12 -11.03
C LEU B 117 -31.94 31.54 -9.93
N VAL B 118 -33.20 31.98 -9.91
CA VAL B 118 -34.11 31.55 -8.85
C VAL B 118 -34.35 30.05 -8.95
N SER B 119 -34.48 29.53 -10.16
CA SER B 119 -34.77 28.11 -10.30
C SER B 119 -33.53 27.28 -10.04
N ASN B 120 -32.42 27.63 -10.68
CA ASN B 120 -31.24 26.78 -10.65
C ASN B 120 -30.47 26.90 -9.33
N LEU B 121 -30.33 28.12 -8.81
CA LEU B 121 -29.61 28.24 -7.54
C LEU B 121 -30.53 27.98 -6.36
N GLY B 122 -31.80 28.39 -6.47
CA GLY B 122 -32.72 28.35 -5.35
C GLY B 122 -33.32 27.00 -5.04
N THR B 123 -33.17 26.00 -5.91
CA THR B 123 -33.80 24.70 -5.70
C THR B 123 -32.75 23.59 -5.59
N ILE B 124 -32.71 22.94 -4.43
CA ILE B 124 -31.79 21.82 -4.19
C ILE B 124 -32.16 20.68 -5.12
N ALA B 125 -31.14 20.09 -5.75
CA ALA B 125 -31.25 18.98 -6.70
C ALA B 125 -31.79 19.40 -8.06
N ARG B 126 -32.09 20.69 -8.27
CA ARG B 126 -32.51 21.16 -9.58
C ARG B 126 -31.27 21.43 -10.43
N SER B 127 -31.22 20.80 -11.61
CA SER B 127 -30.04 20.87 -12.48
C SER B 127 -30.44 21.39 -13.86
N GLY B 128 -30.12 22.65 -14.14
CA GLY B 128 -30.28 23.15 -15.49
C GLY B 128 -29.47 22.36 -16.50
N SER B 129 -28.27 21.92 -16.12
CA SER B 129 -27.41 21.23 -17.07
C SER B 129 -27.97 19.86 -17.42
N LYS B 130 -28.60 19.18 -16.46
CA LYS B 130 -29.22 17.90 -16.72
C LYS B 130 -30.34 18.05 -17.76
N ALA B 131 -31.19 19.07 -17.60
CA ALA B 131 -32.26 19.28 -18.56
C ALA B 131 -31.68 19.60 -19.93
N PHE B 132 -30.60 20.39 -19.97
CA PHE B 132 -29.93 20.68 -21.22
C PHE B 132 -29.47 19.39 -21.89
N LEU B 133 -28.78 18.55 -21.13
CA LEU B 133 -28.34 17.25 -21.62
C LEU B 133 -29.49 16.41 -22.13
N ASP B 134 -30.62 16.41 -21.42
CA ASP B 134 -31.70 15.53 -21.79
C ASP B 134 -32.37 15.94 -23.09
N ALA B 135 -32.16 17.19 -23.54
CA ALA B 135 -32.80 17.70 -24.74
C ALA B 135 -31.86 17.73 -25.94
N LEU B 136 -30.59 17.37 -25.76
CA LEU B 136 -29.64 17.30 -26.86
C LEU B 136 -29.88 16.08 -27.74
N GLN B 137 -29.63 16.24 -29.04
CA GLN B 137 -29.38 15.14 -29.97
C GLN B 137 -28.44 14.12 -29.35
N ASN B 138 -28.53 12.86 -29.75
CA ASN B 138 -27.74 11.79 -29.13
C ASN B 138 -26.25 12.11 -29.16
N GLN B 139 -25.73 12.47 -30.33
CA GLN B 139 -24.30 12.55 -30.60
C GLN B 139 -23.76 13.97 -30.65
N ALA B 140 -24.52 14.96 -30.16
CA ALA B 140 -23.97 16.29 -29.95
C ALA B 140 -22.73 16.22 -29.06
N GLU B 141 -21.67 16.94 -29.46
CA GLU B 141 -20.41 16.90 -28.70
C GLU B 141 -20.60 17.33 -27.25
N ALA B 142 -21.59 18.18 -26.97
CA ALA B 142 -21.79 18.64 -25.60
C ALA B 142 -22.36 17.54 -24.71
N SER B 143 -22.91 16.47 -25.29
CA SER B 143 -23.53 15.42 -24.49
C SER B 143 -22.52 14.73 -23.59
N SER B 144 -21.26 14.73 -23.98
CA SER B 144 -20.20 14.03 -23.24
C SER B 144 -19.29 14.98 -22.45
N SER B 145 -19.51 16.28 -22.52
CA SER B 145 -18.66 17.22 -21.80
C SER B 145 -19.36 17.91 -20.63
N ILE B 146 -20.69 17.93 -20.59
CA ILE B 146 -21.40 18.60 -19.52
C ILE B 146 -21.22 17.78 -18.24
N ILE B 147 -20.68 18.42 -17.19
CA ILE B 147 -20.37 17.72 -15.95
C ILE B 147 -21.60 17.62 -15.04
N GLY B 148 -22.38 18.68 -14.93
CA GLY B 148 -23.46 18.72 -13.96
C GLY B 148 -24.48 17.60 -14.13
N GLN B 149 -25.26 17.38 -13.06
CA GLN B 149 -26.09 16.19 -12.95
C GLN B 149 -27.00 16.23 -11.73
N PHE B 150 -26.42 16.38 -10.55
CA PHE B 150 -27.18 16.16 -9.33
C PHE B 150 -27.90 17.40 -8.82
N GLY B 151 -27.54 18.60 -9.27
CA GLY B 151 -28.20 19.79 -8.77
C GLY B 151 -27.79 20.24 -7.38
N VAL B 152 -26.60 19.88 -6.88
CA VAL B 152 -26.25 20.30 -5.53
C VAL B 152 -24.84 20.89 -5.45
N GLY B 153 -24.07 20.77 -6.53
CA GLY B 153 -22.65 21.06 -6.44
C GLY B 153 -22.38 22.50 -6.03
N PHE B 154 -23.18 23.44 -6.52
CA PHE B 154 -22.96 24.85 -6.21
C PHE B 154 -23.01 25.09 -4.70
N TYR B 155 -23.84 24.35 -3.96
CA TYR B 155 -23.97 24.63 -2.53
C TYR B 155 -22.69 24.32 -1.76
N SER B 156 -21.70 23.69 -2.39
CA SER B 156 -20.43 23.48 -1.70
C SER B 156 -19.74 24.79 -1.33
N ALA B 157 -20.14 25.92 -1.94
CA ALA B 157 -19.55 27.21 -1.57
C ALA B 157 -19.79 27.53 -0.09
N PHE B 158 -20.92 27.10 0.45
CA PHE B 158 -21.23 27.40 1.84
C PHE B 158 -20.42 26.57 2.84
N MET B 159 -19.79 25.48 2.39
CA MET B 159 -18.73 24.85 3.18
C MET B 159 -17.72 25.89 3.64
N VAL B 160 -17.30 26.79 2.73
CA VAL B 160 -16.17 27.66 2.98
C VAL B 160 -16.56 29.13 3.09
N ALA B 161 -17.81 29.47 2.84
CA ALA B 161 -18.13 30.88 2.71
C ALA B 161 -19.25 31.24 3.66
N ASP B 162 -19.05 32.34 4.39
CA ASP B 162 -20.13 32.92 5.19
C ASP B 162 -21.20 33.55 4.32
N LYS B 163 -20.81 34.11 3.17
CA LYS B 163 -21.74 34.82 2.30
C LYS B 163 -21.33 34.56 0.86
N VAL B 164 -22.32 34.37 -0.01
CA VAL B 164 -22.08 34.07 -1.41
C VAL B 164 -22.84 35.08 -2.26
N GLU B 165 -22.18 35.65 -3.25
CA GLU B 165 -22.79 36.58 -4.17
C GLU B 165 -22.57 36.09 -5.60
N VAL B 166 -23.64 36.10 -6.39
CA VAL B 166 -23.59 35.65 -7.78
C VAL B 166 -24.11 36.79 -8.65
N TYR B 167 -23.26 37.26 -9.57
CA TYR B 167 -23.65 38.26 -10.56
C TYR B 167 -23.76 37.54 -11.91
N SER B 168 -24.90 37.66 -12.57
CA SER B 168 -25.09 36.90 -13.78
C SER B 168 -25.82 37.70 -14.85
N GLN B 169 -25.33 37.57 -16.09
CA GLN B 169 -25.90 38.25 -17.25
C GLN B 169 -26.13 37.20 -18.32
N SER B 170 -27.38 37.05 -18.74
CA SER B 170 -27.69 36.10 -19.80
C SER B 170 -27.44 36.73 -21.17
N ALA B 171 -27.39 35.87 -22.19
CA ALA B 171 -27.11 36.29 -23.56
C ALA B 171 -28.40 36.55 -24.34
N GLU B 172 -29.19 37.51 -23.89
CA GLU B 172 -30.50 37.72 -24.47
C GLU B 172 -30.99 39.12 -24.13
N ALA B 173 -32.20 39.44 -24.62
CA ALA B 173 -32.89 40.71 -24.35
C ALA B 173 -32.08 41.91 -24.76
N PRO B 176 -30.67 42.25 -18.98
CA PRO B 176 -30.58 42.79 -17.62
C PRO B 176 -29.77 41.89 -16.67
N GLY B 177 -28.77 42.48 -16.02
CA GLY B 177 -27.97 41.72 -15.07
C GLY B 177 -28.60 41.62 -13.70
N TYR B 178 -28.19 40.61 -12.95
CA TYR B 178 -28.83 40.30 -11.69
C TYR B 178 -27.78 39.89 -10.68
N LYS B 179 -28.07 40.17 -9.42
CA LYS B 179 -27.24 39.82 -8.28
C LYS B 179 -28.05 38.89 -7.39
N TRP B 180 -27.57 37.66 -7.24
CA TRP B 180 -28.10 36.67 -6.31
C TRP B 180 -27.18 36.66 -5.09
N SER B 181 -27.77 36.59 -3.89
CA SER B 181 -27.00 36.75 -2.65
C SER B 181 -27.57 35.85 -1.57
N SER B 182 -26.71 35.27 -0.73
CA SER B 182 -27.20 34.46 0.39
C SER B 182 -26.09 34.19 1.42
N ASP B 183 -26.51 33.97 2.67
CA ASP B 183 -25.61 33.48 3.71
C ASP B 183 -25.71 31.96 3.89
N GLY B 184 -26.44 31.25 3.03
CA GLY B 184 -26.57 29.82 3.11
C GLY B 184 -27.63 29.29 4.07
N SER B 185 -28.25 30.14 4.88
CA SER B 185 -29.21 29.69 5.89
C SER B 185 -30.63 30.04 5.43
N GLY B 186 -31.26 29.10 4.73
CA GLY B 186 -32.68 29.18 4.44
C GLY B 186 -33.13 30.06 3.29
N VAL B 187 -32.52 31.24 3.12
CA VAL B 187 -33.07 32.25 2.22
C VAL B 187 -31.97 32.92 1.39
N PHE B 188 -32.38 33.53 0.29
CA PHE B 188 -31.49 34.29 -0.56
C PHE B 188 -32.26 35.50 -1.09
N GLU B 189 -31.52 36.46 -1.63
CA GLU B 189 -32.10 37.66 -2.21
C GLU B 189 -31.64 37.80 -3.67
N VAL B 190 -32.47 38.48 -4.47
CA VAL B 190 -32.19 38.69 -5.88
C VAL B 190 -32.50 40.13 -6.21
N ALA B 191 -31.57 40.81 -6.89
CA ALA B 191 -31.82 42.19 -7.29
C ALA B 191 -31.21 42.42 -8.67
N GLU B 192 -31.77 43.40 -9.36
CA GLU B 192 -31.19 43.80 -10.64
C GLU B 192 -29.81 44.39 -10.39
N ALA B 193 -28.95 44.28 -11.39
CA ALA B 193 -27.56 44.68 -11.21
C ALA B 193 -27.00 45.20 -12.52
N SER B 194 -26.24 46.29 -12.42
CA SER B 194 -25.35 46.70 -13.50
C SER B 194 -23.96 46.62 -12.93
N GLY B 195 -22.90 46.64 -13.74
CA GLY B 195 -22.89 46.23 -15.11
C GLY B 195 -22.22 44.85 -15.08
N VAL B 196 -23.03 43.82 -15.25
CA VAL B 196 -22.57 42.44 -15.24
C VAL B 196 -22.11 42.08 -16.65
N ARG B 197 -20.90 41.52 -16.75
CA ARG B 197 -20.47 40.94 -18.01
C ARG B 197 -21.25 39.66 -18.33
N GLN B 198 -21.50 39.44 -19.61
CA GLN B 198 -22.07 38.19 -20.08
C GLN B 198 -21.44 37.01 -19.34
N GLY B 199 -22.29 36.20 -18.73
CA GLY B 199 -21.78 35.10 -17.94
C GLY B 199 -22.00 35.28 -16.46
N THR B 200 -21.14 34.67 -15.64
CA THR B 200 -21.45 34.52 -14.22
C THR B 200 -20.20 34.71 -13.38
N LYS B 201 -20.32 35.57 -12.38
CA LYS B 201 -19.27 35.87 -11.41
C LYS B 201 -19.78 35.50 -10.02
N ILE B 202 -19.00 34.71 -9.30
CA ILE B 202 -19.38 34.21 -7.99
C ILE B 202 -18.33 34.67 -6.99
N VAL B 203 -18.77 35.37 -5.93
CA VAL B 203 -17.88 35.94 -4.94
C VAL B 203 -18.13 35.24 -3.60
N LEU B 204 -17.10 34.60 -3.07
CA LEU B 204 -17.20 33.89 -1.80
C LEU B 204 -16.51 34.72 -0.72
N HIS B 205 -17.25 35.06 0.35
CA HIS B 205 -16.65 35.71 1.51
C HIS B 205 -16.28 34.60 2.49
N LEU B 206 -15.00 34.26 2.53
CA LEU B 206 -14.56 33.04 3.17
C LEU B 206 -14.68 33.13 4.68
N LYS B 207 -15.07 32.02 5.31
CA LYS B 207 -15.02 31.93 6.76
C LYS B 207 -13.56 32.05 7.22
N ASP B 208 -13.39 32.57 8.44
CA ASP B 208 -12.06 32.71 9.03
C ASP B 208 -11.24 31.41 8.93
N ASP B 209 -11.85 30.28 9.28
CA ASP B 209 -11.07 29.05 9.24
C ASP B 209 -10.93 28.49 7.82
N CYS B 210 -11.42 29.20 6.80
CA CYS B 210 -11.18 28.79 5.42
C CYS B 210 -10.42 29.86 4.64
N LYS B 211 -9.71 30.77 5.34
CA LYS B 211 -9.00 31.84 4.65
C LYS B 211 -7.94 31.33 3.67
N GLU B 212 -7.42 30.12 3.86
CA GLU B 212 -6.44 29.54 2.95
C GLU B 212 -6.87 29.62 1.48
N PHE B 213 -8.18 29.56 1.20
CA PHE B 213 -8.62 29.65 -0.20
C PHE B 213 -8.60 31.09 -0.72
N SER B 214 -8.07 32.06 0.04
CA SER B 214 -7.71 33.36 -0.53
C SER B 214 -6.22 33.46 -0.79
N SER B 215 -5.48 32.35 -0.60
CA SER B 215 -4.08 32.28 -0.96
C SER B 215 -3.94 31.73 -2.39
N GLU B 216 -3.29 32.51 -3.24
CA GLU B 216 -3.06 32.12 -4.63
C GLU B 216 -2.48 30.72 -4.73
N ASP B 217 -1.44 30.43 -3.93
CA ASP B 217 -0.76 29.14 -4.05
C ASP B 217 -1.66 27.98 -3.63
N ARG B 218 -2.54 28.20 -2.66
CA ARG B 218 -3.45 27.14 -2.25
C ARG B 218 -4.46 26.85 -3.36
N VAL B 219 -5.03 27.90 -3.96
CA VAL B 219 -6.02 27.73 -5.02
C VAL B 219 -5.39 26.98 -6.21
N LYS B 220 -4.18 27.38 -6.59
CA LYS B 220 -3.46 26.71 -7.66
C LYS B 220 -3.34 25.21 -7.42
N GLU B 221 -2.99 24.81 -6.19
CA GLU B 221 -2.90 23.39 -5.85
C GLU B 221 -4.21 22.65 -6.11
N VAL B 222 -5.35 23.26 -5.74
CA VAL B 222 -6.64 22.59 -5.88
C VAL B 222 -7.03 22.49 -7.35
N VAL B 223 -6.82 23.58 -8.09
CA VAL B 223 -7.10 23.58 -9.52
C VAL B 223 -6.34 22.45 -10.21
N THR B 224 -5.02 22.39 -10.00
CA THR B 224 -4.27 21.34 -10.70
C THR B 224 -4.68 19.96 -10.22
N LYS B 225 -5.05 19.82 -8.94
CA LYS B 225 -5.41 18.50 -8.43
C LYS B 225 -6.64 17.93 -9.14
N TYR B 226 -7.69 18.73 -9.29
CA TYR B 226 -8.99 18.24 -9.73
C TYR B 226 -9.35 18.62 -11.14
N SER B 227 -8.88 19.78 -11.61
CA SER B 227 -9.46 20.49 -12.74
C SER B 227 -8.40 20.79 -13.79
N ASN B 228 -7.27 20.11 -13.70
CA ASN B 228 -6.11 20.30 -14.57
C ASN B 228 -6.43 20.03 -16.04
N PHE B 229 -7.52 19.34 -16.36
CA PHE B 229 -7.81 18.92 -17.73
C PHE B 229 -9.11 19.51 -18.24
N VAL B 230 -9.66 20.50 -17.54
CA VAL B 230 -10.89 21.15 -17.98
C VAL B 230 -10.67 21.74 -19.38
N SER B 231 -11.72 21.72 -20.21
CA SER B 231 -11.57 22.00 -21.64
C SER B 231 -11.39 23.49 -21.96
N PHE B 232 -11.46 24.37 -20.97
CA PHE B 232 -11.41 25.79 -21.22
C PHE B 232 -10.26 26.41 -20.43
N PRO B 233 -9.59 27.41 -20.99
CA PRO B 233 -8.48 28.05 -20.27
C PRO B 233 -8.92 28.57 -18.90
N ILE B 234 -8.09 28.31 -17.88
CA ILE B 234 -8.34 28.79 -16.52
C ILE B 234 -7.24 29.76 -16.12
N PHE B 235 -7.62 30.97 -15.72
CA PHE B 235 -6.67 31.97 -15.26
C PHE B 235 -6.82 32.20 -13.75
N LEU B 236 -5.69 32.40 -13.07
CA LEU B 236 -5.65 32.70 -11.65
C LEU B 236 -4.95 34.04 -11.47
N ASN B 237 -5.70 35.05 -11.00
CA ASN B 237 -5.18 36.40 -10.79
C ASN B 237 -4.48 36.90 -12.05
N GLY B 238 -5.11 36.69 -13.20
CA GLY B 238 -4.58 37.17 -14.46
C GLY B 238 -3.57 36.26 -15.14
N ARG B 239 -3.20 35.14 -14.54
CA ARG B 239 -2.17 34.27 -15.09
C ARG B 239 -2.74 32.89 -15.38
N ARG B 240 -2.32 32.31 -16.51
CA ARG B 240 -2.91 31.08 -17.00
C ARG B 240 -2.35 29.88 -16.27
N LEU B 241 -3.22 28.90 -15.99
CA LEU B 241 -2.84 27.70 -15.25
C LEU B 241 -2.90 26.47 -16.16
N ASN B 242 -4.06 25.81 -16.28
CA ASN B 242 -4.20 24.40 -16.67
C ASN B 242 -3.69 24.05 -18.07
N THR B 243 -2.38 23.94 -18.20
CA THR B 243 -1.79 23.81 -19.52
C THR B 243 -1.80 22.38 -20.05
N LEU B 244 -2.33 21.42 -19.31
CA LEU B 244 -2.26 20.01 -19.72
C LEU B 244 -3.48 19.58 -20.52
N GLN B 245 -3.23 18.75 -21.53
CA GLN B 245 -4.26 18.21 -22.39
C GLN B 245 -4.52 16.76 -22.02
N ALA B 246 -5.78 16.36 -22.12
CA ALA B 246 -6.22 15.04 -21.67
C ALA B 246 -5.90 14.06 -22.79
N LEU B 247 -4.66 13.56 -22.78
CA LEU B 247 -4.20 12.62 -23.81
C LEU B 247 -5.14 11.46 -24.00
N TRP B 248 -5.77 10.98 -22.92
CA TRP B 248 -6.58 9.78 -23.03
C TRP B 248 -7.80 9.97 -23.93
N MET B 249 -8.14 11.19 -24.34
CA MET B 249 -9.30 11.41 -25.19
C MET B 249 -8.95 11.49 -26.67
N MET B 250 -7.66 11.67 -26.99
CA MET B 250 -7.20 11.85 -28.36
C MET B 250 -7.04 10.52 -29.09
N GLU B 251 -6.99 10.61 -30.42
CA GLU B 251 -6.78 9.42 -31.24
C GLU B 251 -5.42 8.82 -30.90
N PRO B 252 -5.35 7.53 -30.58
CA PRO B 252 -4.06 6.91 -30.20
C PRO B 252 -2.95 7.12 -31.21
N LYS B 253 -3.27 7.36 -32.47
CA LYS B 253 -2.23 7.54 -33.46
C LYS B 253 -1.60 8.94 -33.36
N ASP B 254 -2.42 9.95 -33.09
CA ASP B 254 -1.93 11.33 -33.09
C ASP B 254 -1.11 11.68 -31.86
N ILE B 255 -0.73 10.71 -31.03
CA ILE B 255 0.09 10.97 -29.85
C ILE B 255 1.47 10.39 -30.07
N SER B 256 2.49 11.23 -29.90
CA SER B 256 3.86 10.84 -30.12
C SER B 256 4.46 10.27 -28.84
N GLU B 257 5.64 9.65 -28.98
CA GLU B 257 6.27 9.02 -27.84
C GLU B 257 6.68 10.03 -26.77
N TRP B 258 7.12 11.23 -27.17
CA TRP B 258 7.52 12.19 -26.15
C TRP B 258 6.32 12.63 -25.33
N GLN B 259 5.17 12.85 -25.97
CA GLN B 259 3.96 13.23 -25.24
C GLN B 259 3.58 12.18 -24.20
N HIS B 260 3.71 10.90 -24.54
CA HIS B 260 3.40 9.88 -23.54
C HIS B 260 4.36 9.95 -22.37
N GLU B 261 5.64 10.21 -22.66
CA GLU B 261 6.65 10.26 -21.60
C GLU B 261 6.37 11.38 -20.62
N GLU B 262 6.00 12.56 -21.13
CA GLU B 262 5.65 13.68 -20.25
C GLU B 262 4.34 13.41 -19.51
N PHE B 263 3.32 12.96 -20.24
CA PHE B 263 2.06 12.69 -19.55
C PHE B 263 2.23 11.59 -18.51
N TYR B 264 2.98 10.52 -18.85
CA TYR B 264 3.30 9.50 -17.85
C TYR B 264 3.95 10.11 -16.63
N ARG B 265 4.96 10.98 -16.83
CA ARG B 265 5.67 11.52 -15.68
C ARG B 265 4.72 12.36 -14.83
N TYR B 266 3.85 13.15 -15.46
CA TYR B 266 2.85 13.90 -14.71
C TYR B 266 1.91 12.96 -13.95
N VAL B 267 1.30 12.00 -14.65
CA VAL B 267 0.17 11.27 -14.09
C VAL B 267 0.63 10.28 -13.03
N ALA B 268 1.86 9.79 -13.16
CA ALA B 268 2.43 8.87 -12.18
C ALA B 268 3.30 9.59 -11.16
N GLN B 269 3.51 10.90 -11.31
CA GLN B 269 4.47 11.66 -10.52
C GLN B 269 5.83 10.93 -10.51
N ALA B 270 6.41 10.84 -11.69
CA ALA B 270 7.59 10.00 -11.89
C ALA B 270 8.63 10.79 -12.67
N TYR B 271 9.83 10.23 -12.73
CA TYR B 271 10.94 10.88 -13.40
C TYR B 271 11.61 10.00 -14.43
N ASP B 272 11.12 8.78 -14.63
CA ASP B 272 11.65 7.88 -15.65
C ASP B 272 10.78 7.91 -16.90
N LYS B 273 10.58 6.77 -17.53
CA LYS B 273 9.85 6.66 -18.78
C LYS B 273 8.97 5.43 -18.72
N PRO B 274 7.85 5.42 -19.44
CA PRO B 274 7.08 4.18 -19.55
C PRO B 274 7.85 3.17 -20.40
N ARG B 275 8.06 1.97 -19.86
CA ARG B 275 8.60 0.93 -20.72
C ARG B 275 7.52 0.33 -21.61
N TYR B 276 6.26 0.38 -21.19
CA TYR B 276 5.13 -0.09 -21.99
C TYR B 276 4.01 0.93 -21.92
N THR B 277 3.31 1.12 -23.04
CA THR B 277 2.21 2.06 -23.15
C THR B 277 1.04 1.38 -23.85
N LEU B 278 -0.10 1.35 -23.18
CA LEU B 278 -1.34 0.81 -23.73
C LEU B 278 -2.41 1.90 -23.71
N HIS B 279 -2.85 2.32 -24.88
CA HIS B 279 -3.87 3.35 -24.99
C HIS B 279 -5.15 2.67 -25.46
N TYR B 280 -6.09 2.48 -24.54
CA TYR B 280 -7.28 1.66 -24.74
C TYR B 280 -8.54 2.53 -24.74
N ARG B 281 -9.32 2.44 -25.82
CA ARG B 281 -10.60 3.12 -26.00
C ARG B 281 -11.67 2.10 -26.39
N ALA B 282 -12.86 2.23 -25.83
CA ALA B 282 -13.94 1.29 -26.13
C ALA B 282 -15.24 1.92 -25.69
N ASP B 283 -16.35 1.31 -26.09
CA ASP B 283 -17.65 1.93 -25.89
C ASP B 283 -18.68 1.07 -25.16
N ALA B 284 -18.50 -0.24 -25.08
CA ALA B 284 -19.31 -1.11 -24.22
C ALA B 284 -18.38 -2.05 -23.45
N PRO B 285 -18.69 -2.33 -22.16
CA PRO B 285 -19.89 -2.03 -21.36
C PRO B 285 -20.04 -0.57 -20.94
N LEU B 286 -18.92 0.16 -20.86
CA LEU B 286 -18.99 1.59 -20.64
C LEU B 286 -18.14 2.30 -21.69
N ASN B 287 -18.45 3.57 -21.88
CA ASN B 287 -17.51 4.47 -22.50
C ASN B 287 -16.23 4.46 -21.70
N ILE B 288 -15.13 4.05 -22.31
CA ILE B 288 -13.85 4.09 -21.64
C ILE B 288 -12.80 4.70 -22.55
N ARG B 289 -12.08 5.69 -22.03
CA ARG B 289 -10.88 6.26 -22.62
C ARG B 289 -9.78 6.17 -21.58
N SER B 290 -8.73 5.39 -21.86
CA SER B 290 -7.78 5.06 -20.80
C SER B 290 -6.37 4.96 -21.36
N ILE B 291 -5.38 5.33 -20.55
CA ILE B 291 -3.97 5.06 -20.84
C ILE B 291 -3.33 4.37 -19.65
N PHE B 292 -2.71 3.22 -19.88
CA PHE B 292 -1.96 2.51 -18.85
C PHE B 292 -0.50 2.47 -19.24
N TYR B 293 0.37 2.71 -18.27
CA TYR B 293 1.82 2.70 -18.43
C TYR B 293 2.44 1.70 -17.47
N VAL B 294 3.50 1.02 -17.92
CA VAL B 294 4.37 0.26 -17.03
C VAL B 294 5.68 1.04 -16.86
N PRO B 295 6.08 1.38 -15.64
CA PRO B 295 7.30 2.17 -15.46
C PRO B 295 8.52 1.42 -15.97
N GLU B 296 9.52 2.20 -16.39
CA GLU B 296 10.82 1.61 -16.72
C GLU B 296 11.58 1.26 -15.45
N MET B 297 11.54 2.14 -14.45
CA MET B 297 12.22 1.86 -13.19
C MET B 297 11.42 0.81 -12.41
N LYS B 298 12.07 0.26 -11.38
CA LYS B 298 11.58 -0.91 -10.68
C LYS B 298 11.22 -0.58 -9.23
N PRO B 299 10.10 -1.10 -8.72
CA PRO B 299 9.72 -0.83 -7.33
C PRO B 299 10.67 -1.40 -6.28
N SER B 300 10.76 -0.69 -5.16
CA SER B 300 11.46 -1.15 -3.97
C SER B 300 10.57 -0.96 -2.75
N MET B 301 10.87 -1.75 -1.70
CA MET B 301 10.10 -1.64 -0.47
C MET B 301 10.31 -0.30 0.24
N PHE B 302 11.34 0.46 -0.14
CA PHE B 302 11.58 1.79 0.42
C PHE B 302 10.87 2.84 -0.44
N ASP B 303 9.55 2.88 -0.30
CA ASP B 303 8.71 3.86 -0.98
C ASP B 303 7.99 4.75 0.02
N SER B 310 2.36 5.90 -7.25
CA SER B 310 0.95 6.22 -7.07
C SER B 310 0.04 5.08 -7.55
N SER B 311 -0.90 5.40 -8.45
CA SER B 311 -1.86 4.41 -8.93
C SER B 311 -2.53 4.97 -10.17
N VAL B 312 -3.33 4.12 -10.84
CA VAL B 312 -4.16 4.59 -11.94
C VAL B 312 -5.26 5.50 -11.39
N ALA B 313 -5.33 6.71 -11.90
CA ALA B 313 -6.37 7.66 -11.53
C ALA B 313 -7.64 7.41 -12.32
N LEU B 314 -8.79 7.64 -11.68
CA LEU B 314 -10.08 7.58 -12.35
C LEU B 314 -10.61 8.99 -12.60
N TYR B 315 -10.98 9.27 -13.84
CA TYR B 315 -11.55 10.53 -14.28
C TYR B 315 -12.95 10.30 -14.85
N SER B 316 -13.75 11.37 -14.87
CA SER B 316 -15.02 11.33 -15.59
C SER B 316 -15.29 12.69 -16.21
N ARG B 317 -15.37 12.72 -17.54
CA ARG B 317 -15.60 13.97 -18.27
C ARG B 317 -14.52 14.99 -17.91
N LYS B 318 -13.30 14.50 -17.87
CA LYS B 318 -12.07 15.26 -17.69
C LYS B 318 -11.91 15.82 -16.28
N ILE B 319 -12.74 15.42 -15.31
CA ILE B 319 -12.60 15.82 -13.90
C ILE B 319 -12.11 14.62 -13.09
N LEU B 320 -11.19 14.87 -12.16
CA LEU B 320 -10.70 13.81 -11.28
C LEU B 320 -11.84 13.29 -10.43
N ILE B 321 -12.04 11.98 -10.42
CA ILE B 321 -12.88 11.31 -9.43
C ILE B 321 -12.05 10.72 -8.29
N GLN B 322 -11.02 9.95 -8.59
CA GLN B 322 -10.18 9.35 -7.55
C GLN B 322 -8.73 9.36 -8.02
N THR B 323 -7.83 9.92 -7.20
CA THR B 323 -6.42 9.84 -7.59
C THR B 323 -5.96 8.38 -7.60
N LYS B 324 -6.54 7.55 -6.73
CA LYS B 324 -6.24 6.11 -6.63
C LYS B 324 -7.51 5.33 -6.96
N ALA B 325 -7.69 4.98 -8.23
CA ALA B 325 -8.88 4.22 -8.64
C ALA B 325 -8.89 2.86 -7.97
N THR B 326 -10.00 2.51 -7.32
CA THR B 326 -10.02 1.38 -6.40
C THR B 326 -10.43 0.07 -7.07
N ASP B 327 -11.59 0.06 -7.72
CA ASP B 327 -12.24 -1.18 -8.11
C ASP B 327 -12.28 -1.43 -9.61
N ILE B 328 -11.56 -0.63 -10.41
CA ILE B 328 -11.64 -0.81 -11.85
C ILE B 328 -10.56 -1.76 -12.37
N LEU B 329 -9.49 -1.97 -11.63
CA LEU B 329 -8.44 -2.91 -11.94
C LEU B 329 -8.29 -3.93 -10.82
N PRO B 330 -7.96 -5.17 -11.14
CA PRO B 330 -7.62 -6.14 -10.09
C PRO B 330 -6.39 -5.67 -9.34
N LYS B 331 -6.27 -6.10 -8.08
CA LYS B 331 -5.17 -5.61 -7.24
C LYS B 331 -3.81 -5.99 -7.80
N TRP B 332 -3.72 -7.12 -8.52
CA TRP B 332 -2.43 -7.52 -9.05
C TRP B 332 -1.95 -6.64 -10.20
N LEU B 333 -2.84 -5.85 -10.82
CA LEU B 333 -2.46 -4.88 -11.83
C LEU B 333 -2.21 -3.50 -11.25
N ARG B 334 -1.98 -3.39 -9.93
CA ARG B 334 -1.73 -2.08 -9.34
C ARG B 334 -0.37 -1.52 -9.69
N PHE B 335 0.52 -2.31 -10.30
CA PHE B 335 1.78 -1.73 -10.77
C PHE B 335 1.54 -0.79 -11.95
N LEU B 336 0.42 -0.94 -12.65
CA LEU B 336 0.09 -0.01 -13.72
C LEU B 336 -0.05 1.40 -13.18
N ARG B 337 0.37 2.36 -13.99
CA ARG B 337 0.10 3.77 -13.78
C ARG B 337 -0.69 4.28 -14.97
N GLY B 338 -1.29 5.48 -14.83
CA GLY B 338 -2.03 6.09 -15.91
C GLY B 338 -3.43 6.50 -15.49
N VAL B 339 -4.37 6.42 -16.43
CA VAL B 339 -5.64 7.14 -16.30
C VAL B 339 -6.79 6.34 -16.94
N VAL B 340 -7.92 6.31 -16.26
CA VAL B 340 -9.16 5.79 -16.79
C VAL B 340 -10.23 6.87 -16.70
N ASP B 341 -10.86 7.18 -17.83
CA ASP B 341 -11.94 8.14 -17.90
C ASP B 341 -13.16 7.47 -18.51
N SER B 342 -14.30 7.61 -17.83
CA SER B 342 -15.59 7.13 -18.32
C SER B 342 -16.64 8.23 -18.21
N GLU B 343 -17.35 8.47 -19.31
CA GLU B 343 -18.42 9.48 -19.34
C GLU B 343 -19.69 9.02 -18.66
N ASP B 344 -19.92 7.70 -18.54
CA ASP B 344 -21.20 7.19 -18.07
C ASP B 344 -21.09 6.32 -16.82
N ILE B 345 -19.92 6.25 -16.21
CA ILE B 345 -19.72 5.41 -15.01
C ILE B 345 -20.60 5.96 -13.88
N PRO B 346 -21.38 5.13 -13.16
CA PRO B 346 -22.28 5.68 -12.13
C PRO B 346 -21.52 6.24 -10.94
N LEU B 347 -21.62 7.56 -10.75
CA LEU B 347 -20.87 8.23 -9.70
C LEU B 347 -21.70 8.42 -8.45
N ASN B 348 -21.04 8.29 -7.31
CA ASN B 348 -21.60 8.70 -6.03
C ASN B 348 -21.90 10.21 -6.04
N LEU B 349 -22.93 10.61 -5.28
CA LEU B 349 -23.24 12.03 -5.10
C LEU B 349 -22.00 12.89 -4.82
N SER B 350 -21.02 12.36 -4.10
CA SER B 350 -19.83 13.12 -3.78
C SER B 350 -18.91 13.35 -4.97
N ARG B 351 -19.10 12.61 -6.08
CA ARG B 351 -18.17 12.65 -7.21
C ARG B 351 -16.75 12.23 -6.81
N GLU B 352 -16.63 11.37 -5.81
CA GLU B 352 -15.33 10.87 -5.42
C GLU B 352 -15.34 9.36 -5.29
N LEU B 353 -16.45 8.71 -5.63
CA LEU B 353 -16.62 7.27 -5.52
C LEU B 353 -17.49 6.80 -6.66
N LEU B 354 -17.37 5.52 -6.99
CA LEU B 354 -18.29 4.86 -7.91
C LEU B 354 -19.35 4.11 -7.12
N GLN B 355 -20.59 4.16 -7.62
CA GLN B 355 -21.60 3.25 -7.10
C GLN B 355 -21.22 1.83 -7.50
N GLU B 356 -21.48 0.89 -6.61
CA GLU B 356 -21.43 -0.53 -6.99
C GLU B 356 -22.32 -0.77 -8.20
N SER B 357 -21.85 -1.59 -9.13
CA SER B 357 -22.47 -1.66 -10.44
C SER B 357 -21.98 -2.91 -11.16
N ALA B 358 -22.91 -3.68 -11.71
CA ALA B 358 -22.52 -4.77 -12.61
C ALA B 358 -21.65 -4.24 -13.76
N LEU B 359 -21.93 -3.03 -14.24
CA LEU B 359 -21.13 -2.45 -15.31
C LEU B 359 -19.68 -2.27 -14.86
N ILE B 360 -19.47 -1.85 -13.61
CA ILE B 360 -18.10 -1.63 -13.16
C ILE B 360 -17.38 -2.96 -12.88
N ARG B 361 -18.11 -3.95 -12.37
CA ARG B 361 -17.52 -5.29 -12.29
C ARG B 361 -17.16 -5.83 -13.68
N LYS B 362 -18.04 -5.64 -14.67
CA LYS B 362 -17.73 -6.09 -16.03
C LYS B 362 -16.55 -5.34 -16.61
N LEU B 363 -16.45 -4.04 -16.32
CA LEU B 363 -15.29 -3.28 -16.81
C LEU B 363 -13.98 -3.85 -16.25
N ARG B 364 -13.97 -4.23 -14.97
CA ARG B 364 -12.72 -4.76 -14.38
C ARG B 364 -12.28 -6.03 -15.10
N ASP B 365 -13.23 -6.94 -15.35
CA ASP B 365 -12.95 -8.14 -16.14
C ASP B 365 -12.44 -7.80 -17.54
N VAL B 366 -13.11 -6.86 -18.22
CA VAL B 366 -12.67 -6.42 -19.54
C VAL B 366 -11.22 -5.92 -19.50
N LEU B 367 -10.92 -5.00 -18.55
CA LEU B 367 -9.57 -4.44 -18.50
C LEU B 367 -8.54 -5.51 -18.20
N GLN B 368 -8.88 -6.45 -17.34
CA GLN B 368 -7.93 -7.49 -17.02
C GLN B 368 -7.54 -8.25 -18.29
N GLN B 369 -8.54 -8.71 -19.05
CA GLN B 369 -8.27 -9.41 -20.32
C GLN B 369 -7.49 -8.53 -21.28
N ARG B 370 -7.85 -7.25 -21.38
CA ARG B 370 -7.18 -6.36 -22.31
C ARG B 370 -5.71 -6.20 -21.96
N VAL B 371 -5.40 -6.01 -20.67
CA VAL B 371 -4.01 -5.80 -20.27
C VAL B 371 -3.21 -7.08 -20.46
N ILE B 372 -3.78 -8.20 -20.01
CA ILE B 372 -3.14 -9.51 -20.20
C ILE B 372 -2.81 -9.73 -21.67
N ARG B 373 -3.74 -9.38 -22.57
CA ARG B 373 -3.50 -9.58 -23.99
C ARG B 373 -2.40 -8.65 -24.50
N PHE B 374 -2.39 -7.42 -24.00
CA PHE B 374 -1.33 -6.48 -24.38
C PHE B 374 0.03 -7.00 -23.92
N LEU B 375 0.10 -7.58 -22.73
CA LEU B 375 1.39 -8.07 -22.26
C LEU B 375 1.84 -9.29 -23.07
N LEU B 376 0.94 -10.24 -23.33
CA LEU B 376 1.31 -11.37 -24.18
C LEU B 376 1.82 -10.91 -25.54
N ASP B 377 1.16 -9.92 -26.16
CA ASP B 377 1.64 -9.39 -27.44
C ASP B 377 3.06 -8.85 -27.28
N GLN B 378 3.34 -8.13 -26.20
CA GLN B 378 4.68 -7.60 -25.98
C GLN B 378 5.70 -8.73 -25.88
N SER B 379 5.32 -9.85 -25.24
CA SER B 379 6.23 -10.99 -25.19
C SER B 379 6.54 -11.51 -26.60
N LYS B 380 5.61 -11.41 -27.53
CA LYS B 380 5.92 -11.88 -28.89
C LYS B 380 6.71 -10.84 -29.68
N LYS B 381 6.33 -9.57 -29.55
CA LYS B 381 7.01 -8.51 -30.28
C LYS B 381 8.48 -8.37 -29.86
N ASP B 382 8.77 -8.53 -28.56
CA ASP B 382 10.12 -8.35 -28.05
C ASP B 382 10.29 -9.24 -26.82
N PRO B 383 10.74 -10.48 -27.01
CA PRO B 383 11.01 -11.34 -25.85
C PRO B 383 12.11 -10.80 -24.97
N GLU B 384 13.12 -10.15 -25.54
CA GLU B 384 14.16 -9.51 -24.75
C GLU B 384 13.55 -8.55 -23.74
N LYS B 385 12.87 -7.52 -24.24
CA LYS B 385 12.21 -6.55 -23.36
C LYS B 385 11.26 -7.25 -22.41
N TYR B 386 10.40 -8.14 -22.93
CA TYR B 386 9.43 -8.78 -22.05
C TYR B 386 10.10 -9.60 -20.97
N ALA B 387 11.28 -10.16 -21.25
CA ALA B 387 11.98 -10.93 -20.23
C ALA B 387 12.46 -10.03 -19.10
N ARG B 388 13.03 -8.86 -19.44
CA ARG B 388 13.35 -7.88 -18.42
C ARG B 388 12.10 -7.49 -17.64
N PHE B 389 10.96 -7.37 -18.34
CA PHE B 389 9.75 -6.98 -17.65
C PHE B 389 9.31 -8.02 -16.63
N PHE B 390 9.27 -9.30 -17.05
CA PHE B 390 8.85 -10.35 -16.14
C PHE B 390 9.75 -10.43 -14.90
N GLU B 391 11.06 -10.33 -15.11
CA GLU B 391 11.99 -10.29 -13.98
C GLU B 391 11.61 -9.18 -13.00
N ASP B 392 11.18 -8.04 -13.53
CA ASP B 392 10.85 -6.91 -12.67
C ASP B 392 9.47 -7.04 -12.02
N TYR B 393 8.45 -7.48 -12.75
CA TYR B 393 7.09 -7.40 -12.27
C TYR B 393 6.41 -8.76 -12.12
N GLY B 394 7.16 -9.86 -12.25
CA GLY B 394 6.54 -11.17 -12.16
C GLY B 394 5.87 -11.44 -10.82
N LEU B 395 6.37 -10.83 -9.73
CA LEU B 395 5.73 -10.96 -8.43
C LEU B 395 4.25 -10.59 -8.52
N PHE B 396 3.90 -9.61 -9.37
CA PHE B 396 2.50 -9.24 -9.53
C PHE B 396 1.73 -10.34 -10.27
N MET B 397 2.34 -10.97 -11.28
CA MET B 397 1.64 -12.08 -11.95
C MET B 397 1.42 -13.24 -10.98
N ARG B 398 2.44 -13.55 -10.17
CA ARG B 398 2.32 -14.65 -9.21
C ARG B 398 1.28 -14.32 -8.15
N GLU B 399 1.35 -13.11 -7.60
CA GLU B 399 0.35 -12.69 -6.62
C GLU B 399 -1.05 -12.83 -7.19
N GLY B 400 -1.22 -12.47 -8.47
CA GLY B 400 -2.53 -12.53 -9.08
C GLY B 400 -3.06 -13.95 -9.17
N ILE B 401 -2.24 -14.88 -9.66
CA ILE B 401 -2.66 -16.27 -9.74
C ILE B 401 -2.98 -16.80 -8.35
N VAL B 402 -2.23 -16.38 -7.34
CA VAL B 402 -2.49 -16.85 -5.97
C VAL B 402 -3.84 -16.34 -5.48
N THR B 403 -4.08 -15.04 -5.62
CA THR B 403 -5.15 -14.40 -4.87
C THR B 403 -6.51 -14.44 -5.55
N THR B 404 -6.58 -14.78 -6.84
CA THR B 404 -7.89 -14.89 -7.46
C THR B 404 -8.50 -16.26 -7.14
N GLY B 405 -9.79 -16.39 -7.42
CA GLY B 405 -10.51 -17.61 -7.10
C GLY B 405 -11.25 -18.17 -8.29
N GLU B 406 -10.87 -17.74 -9.50
CA GLU B 406 -11.48 -18.19 -10.73
C GLU B 406 -10.43 -18.86 -11.59
N GLN B 407 -10.63 -20.14 -11.88
CA GLN B 407 -9.62 -20.94 -12.58
C GLN B 407 -9.33 -20.42 -13.97
N SER B 408 -10.34 -19.92 -14.69
CA SER B 408 -10.10 -19.40 -16.03
C SER B 408 -9.20 -18.17 -16.01
N VAL B 409 -9.28 -17.37 -14.94
CA VAL B 409 -8.40 -16.21 -14.79
C VAL B 409 -6.98 -16.66 -14.47
N LYS B 410 -6.83 -17.64 -13.58
CA LYS B 410 -5.50 -18.14 -13.25
C LYS B 410 -4.73 -18.59 -14.49
N GLU B 411 -5.40 -19.34 -15.37
CA GLU B 411 -4.73 -19.76 -16.59
C GLU B 411 -4.53 -18.61 -17.57
N ASP B 412 -5.27 -17.50 -17.38
CA ASP B 412 -5.02 -16.34 -18.22
C ASP B 412 -3.78 -15.60 -17.78
N ILE B 413 -3.66 -15.34 -16.47
CA ILE B 413 -2.46 -14.70 -15.94
C ILE B 413 -1.24 -15.58 -16.14
N ALA B 414 -1.44 -16.90 -16.10
CA ALA B 414 -0.33 -17.84 -16.21
C ALA B 414 0.32 -17.83 -17.58
N LYS B 415 -0.39 -17.34 -18.60
CA LYS B 415 0.23 -17.23 -19.92
C LYS B 415 1.42 -16.29 -19.89
N LEU B 416 1.49 -15.42 -18.88
CA LEU B 416 2.61 -14.49 -18.74
C LEU B 416 3.79 -15.08 -17.99
N LEU B 417 3.60 -16.18 -17.26
CA LEU B 417 4.69 -16.75 -16.46
C LEU B 417 5.81 -17.28 -17.35
N ARG B 418 7.03 -17.11 -16.89
CA ARG B 418 8.22 -17.65 -17.52
C ARG B 418 9.02 -18.45 -16.51
N PHE B 419 9.60 -19.55 -16.97
CA PHE B 419 10.46 -20.36 -16.13
C PHE B 419 11.65 -20.81 -16.97
N GLU B 420 12.65 -21.38 -16.29
CA GLU B 420 13.69 -22.11 -16.99
C GLU B 420 13.26 -23.56 -17.16
N SER B 421 13.95 -24.27 -18.05
CA SER B 421 13.60 -25.66 -18.32
C SER B 421 14.85 -26.50 -18.51
N SER B 422 14.72 -27.79 -18.18
CA SER B 422 15.80 -28.73 -18.43
C SER B 422 16.19 -28.79 -19.89
N ALA B 423 15.25 -28.52 -20.80
CA ALA B 423 15.42 -28.83 -22.22
C ALA B 423 16.20 -27.78 -22.99
N LEU B 424 16.66 -26.71 -22.35
CA LEU B 424 17.50 -25.71 -23.01
C LEU B 424 18.23 -24.92 -21.92
N PRO B 425 19.35 -24.26 -22.25
CA PRO B 425 20.30 -23.93 -21.18
C PRO B 425 19.89 -22.75 -20.33
N ALA B 426 20.82 -22.27 -19.52
CA ALA B 426 20.52 -21.31 -18.47
C ALA B 426 20.21 -19.95 -19.06
N GLY B 427 19.45 -19.17 -18.29
CA GLY B 427 19.13 -17.81 -18.66
C GLY B 427 17.95 -17.70 -19.61
N GLN B 428 17.78 -18.70 -20.48
CA GLN B 428 16.74 -18.65 -21.49
C GLN B 428 15.48 -19.30 -20.95
N GLN B 429 14.33 -18.73 -21.30
CA GLN B 429 13.08 -19.00 -20.61
C GLN B 429 12.00 -19.48 -21.58
N THR B 430 11.01 -20.16 -21.02
CA THR B 430 9.93 -20.76 -21.78
C THR B 430 8.60 -20.52 -21.06
N SER B 431 7.52 -20.47 -21.83
CA SER B 431 6.19 -20.34 -21.28
C SER B 431 5.57 -21.72 -21.07
N LEU B 432 4.46 -21.73 -20.32
CA LEU B 432 3.69 -22.96 -20.16
C LEU B 432 3.07 -23.42 -21.47
N MET B 433 2.62 -22.48 -22.31
CA MET B 433 2.15 -22.86 -23.63
C MET B 433 3.27 -23.48 -24.45
N GLU B 434 4.48 -22.93 -24.34
CA GLU B 434 5.61 -23.52 -25.03
C GLU B 434 5.89 -24.94 -24.53
N TYR B 435 5.80 -25.16 -23.22
CA TYR B 435 5.94 -26.51 -22.67
C TYR B 435 4.82 -27.42 -23.16
N SER B 436 3.57 -26.96 -23.03
CA SER B 436 2.44 -27.77 -23.49
C SER B 436 2.59 -28.12 -24.96
N SER B 437 3.24 -27.24 -25.73
CA SER B 437 3.56 -27.54 -27.12
C SER B 437 4.42 -28.79 -27.23
N ARG B 438 5.60 -28.77 -26.62
CA ARG B 438 6.58 -29.85 -26.77
C ARG B 438 6.36 -30.84 -25.62
N MET B 439 5.53 -31.84 -25.89
CA MET B 439 5.21 -32.87 -24.93
C MET B 439 4.98 -34.13 -25.73
N LYS B 440 5.45 -35.26 -25.22
CA LYS B 440 5.22 -36.54 -25.89
C LYS B 440 3.76 -36.66 -26.28
N ALA B 441 3.54 -36.99 -27.56
CA ALA B 441 2.20 -37.13 -28.12
C ALA B 441 1.29 -37.86 -27.14
N GLY B 442 0.40 -37.10 -26.50
CA GLY B 442 -0.38 -37.64 -25.40
C GLY B 442 0.43 -37.71 -24.12
N THR B 443 0.81 -36.55 -23.58
CA THR B 443 1.38 -36.43 -22.25
C THR B 443 0.34 -35.79 -21.34
N ARG B 444 0.43 -36.11 -20.05
CA ARG B 444 -0.65 -35.81 -19.12
C ARG B 444 -0.35 -34.58 -18.27
N ASN B 445 0.70 -34.64 -17.49
CA ASN B 445 1.00 -33.60 -16.52
C ASN B 445 2.09 -32.67 -17.04
N ILE B 446 2.10 -31.46 -16.51
CA ILE B 446 3.20 -30.53 -16.67
C ILE B 446 4.09 -30.68 -15.44
N TYR B 447 5.38 -30.91 -15.67
CA TYR B 447 6.34 -31.30 -14.65
C TYR B 447 7.24 -30.13 -14.26
N TYR B 448 7.39 -29.90 -12.96
CA TYR B 448 8.17 -28.77 -12.48
C TYR B 448 8.90 -29.13 -11.20
N LEU B 449 9.90 -28.33 -10.88
CA LEU B 449 10.68 -28.47 -9.65
C LEU B 449 11.11 -27.09 -9.19
N CYS B 450 10.63 -26.67 -8.02
CA CYS B 450 11.00 -25.38 -7.47
C CYS B 450 12.24 -25.54 -6.62
N ALA B 451 13.31 -24.84 -6.98
CA ALA B 451 14.63 -25.04 -6.41
C ALA B 451 15.35 -23.71 -6.29
N PRO B 452 16.34 -23.60 -5.41
CA PRO B 452 17.14 -22.37 -5.34
C PRO B 452 17.82 -21.99 -6.64
N ASN B 453 18.44 -22.93 -7.36
CA ASN B 453 19.16 -22.58 -8.58
C ASN B 453 19.27 -23.78 -9.49
N ARG B 454 19.95 -23.56 -10.62
CA ARG B 454 20.11 -24.59 -11.65
C ARG B 454 20.95 -25.76 -11.17
N HIS B 455 22.04 -25.49 -10.43
CA HIS B 455 22.91 -26.57 -9.98
C HIS B 455 22.19 -27.50 -9.01
N LEU B 456 21.48 -26.93 -8.05
CA LEU B 456 20.72 -27.76 -7.11
C LEU B 456 19.56 -28.47 -7.79
N ALA B 457 19.03 -27.91 -8.88
CA ALA B 457 17.96 -28.57 -9.61
C ALA B 457 18.47 -29.74 -10.44
N GLU B 458 19.58 -29.53 -11.15
CA GLU B 458 20.14 -30.58 -12.00
C GLU B 458 20.63 -31.79 -11.22
N HIS B 459 20.68 -31.72 -9.88
CA HIS B 459 21.17 -32.83 -9.07
C HIS B 459 20.15 -33.32 -8.05
N SER B 460 18.88 -32.92 -8.16
CA SER B 460 17.87 -33.39 -7.21
C SER B 460 17.58 -34.87 -7.45
N PRO B 461 17.59 -35.71 -6.41
CA PRO B 461 17.16 -37.11 -6.58
C PRO B 461 15.83 -37.26 -7.31
N TYR B 462 14.97 -36.24 -7.28
CA TYR B 462 13.69 -36.32 -7.94
C TYR B 462 13.75 -35.89 -9.40
N PHE B 463 14.83 -35.23 -9.84
CA PHE B 463 14.92 -34.82 -11.24
C PHE B 463 15.34 -35.96 -12.15
N GLU B 464 16.32 -36.77 -11.72
CA GLU B 464 16.75 -37.89 -12.55
C GLU B 464 15.62 -38.88 -12.78
N ALA B 465 14.76 -39.07 -11.77
CA ALA B 465 13.62 -39.98 -11.94
C ALA B 465 12.73 -39.54 -13.08
N MET B 466 12.46 -38.24 -13.19
CA MET B 466 11.64 -37.72 -14.27
C MET B 466 12.42 -37.43 -15.54
N LYS B 467 13.75 -37.55 -15.48
CA LYS B 467 14.57 -37.60 -16.70
C LYS B 467 14.45 -38.96 -17.39
N GLN B 468 13.82 -39.94 -16.74
CA GLN B 468 13.48 -41.21 -17.37
C GLN B 468 12.09 -41.21 -17.97
N LYS B 469 11.16 -40.43 -17.42
CA LYS B 469 9.77 -40.45 -17.85
C LYS B 469 9.48 -39.35 -18.87
N ASP B 470 9.04 -38.18 -18.41
CA ASP B 470 8.81 -37.02 -19.26
C ASP B 470 10.03 -36.11 -19.15
N MET B 471 10.91 -36.21 -20.15
CA MET B 471 12.27 -35.66 -20.05
C MET B 471 12.29 -34.20 -19.58
N GLU B 472 11.39 -33.37 -20.10
CA GLU B 472 11.45 -31.93 -19.85
C GLU B 472 10.77 -31.56 -18.54
N VAL B 473 11.48 -30.87 -17.67
CA VAL B 473 10.95 -30.40 -16.40
C VAL B 473 11.25 -28.91 -16.26
N LEU B 474 10.26 -28.15 -15.81
CA LEU B 474 10.42 -26.73 -15.61
C LEU B 474 11.13 -26.43 -14.30
N PHE B 475 12.14 -25.56 -14.39
CA PHE B 475 12.95 -25.18 -13.23
C PHE B 475 12.49 -23.81 -12.74
N CYS B 476 12.07 -23.75 -11.49
CA CYS B 476 11.42 -22.58 -10.92
C CYS B 476 12.26 -22.06 -9.77
N PHE B 477 13.15 -21.12 -10.08
CA PHE B 477 14.08 -20.56 -9.11
C PHE B 477 13.48 -19.41 -8.31
N GLU B 478 12.48 -18.73 -8.86
CA GLU B 478 11.97 -17.49 -8.27
C GLU B 478 11.29 -17.76 -6.93
N GLN B 479 11.29 -16.72 -6.10
CA GLN B 479 10.53 -16.76 -4.86
C GLN B 479 9.03 -16.77 -5.17
N PHE B 480 8.29 -17.60 -4.43
CA PHE B 480 6.85 -17.80 -4.55
C PHE B 480 6.47 -18.58 -5.80
N ASP B 481 7.44 -19.07 -6.58
CA ASP B 481 7.10 -19.97 -7.68
C ASP B 481 6.36 -21.21 -7.20
N GLU B 482 6.71 -21.70 -6.01
CA GLU B 482 6.12 -22.93 -5.49
C GLU B 482 4.61 -22.80 -5.32
N LEU B 483 4.17 -21.89 -4.45
CA LEU B 483 2.73 -21.75 -4.23
C LEU B 483 2.03 -21.12 -5.44
N THR B 484 2.73 -20.37 -6.29
CA THR B 484 2.12 -19.93 -7.54
C THR B 484 1.61 -21.13 -8.34
N LEU B 485 2.47 -22.13 -8.54
CA LEU B 485 2.07 -23.27 -9.35
C LEU B 485 1.12 -24.19 -8.58
N LEU B 486 1.22 -24.22 -7.25
CA LEU B 486 0.29 -25.00 -6.45
C LEU B 486 -1.10 -24.35 -6.43
N HIS B 487 -1.15 -23.03 -6.20
CA HIS B 487 -2.43 -22.32 -6.33
C HIS B 487 -2.96 -22.39 -7.75
N LEU B 488 -2.07 -22.42 -8.75
CA LEU B 488 -2.51 -22.57 -10.13
C LEU B 488 -3.26 -23.88 -10.28
N ARG B 489 -2.55 -25.00 -10.11
CA ARG B 489 -3.11 -26.34 -10.01
C ARG B 489 -3.45 -26.97 -11.37
N GLU B 490 -3.81 -26.16 -12.35
CA GLU B 490 -4.26 -26.73 -13.63
C GLU B 490 -4.13 -25.65 -14.71
N PHE B 491 -3.22 -25.87 -15.65
CA PHE B 491 -3.08 -25.01 -16.83
C PHE B 491 -3.24 -25.86 -18.08
N ASP B 492 -3.97 -25.33 -19.07
CA ASP B 492 -4.24 -26.03 -20.33
C ASP B 492 -5.04 -27.31 -20.06
N ARG B 493 -5.89 -27.26 -19.02
CA ARG B 493 -6.57 -28.41 -18.38
C ARG B 493 -5.60 -29.57 -18.08
N LYS B 494 -4.30 -29.31 -17.99
CA LYS B 494 -3.30 -30.31 -17.65
C LYS B 494 -2.76 -30.03 -16.25
N LYS B 495 -2.61 -31.10 -15.46
CA LYS B 495 -2.24 -30.96 -14.06
C LYS B 495 -0.76 -30.60 -13.91
N LEU B 496 -0.48 -29.65 -13.03
CA LEU B 496 0.87 -29.35 -12.59
C LEU B 496 1.22 -30.23 -11.40
N ILE B 497 2.38 -30.86 -11.43
CA ILE B 497 2.83 -31.62 -10.27
C ILE B 497 4.35 -31.53 -10.14
N SER B 498 4.81 -31.53 -8.89
CA SER B 498 6.21 -31.39 -8.54
C SER B 498 6.93 -32.73 -8.53
N ALA B 499 7.65 -32.99 -7.43
CA ALA B 499 8.31 -34.25 -7.09
C ALA B 499 9.15 -34.01 -5.85
N GLU B 500 8.54 -34.16 -4.67
CA GLU B 500 9.25 -33.89 -3.42
C GLU B 500 8.45 -34.34 -2.19
N ARG B 522 44.15 -42.25 -10.42
CA ARG B 522 43.21 -41.83 -9.37
C ARG B 522 43.48 -42.57 -8.06
N LEU B 523 42.65 -42.31 -7.05
CA LEU B 523 42.85 -42.86 -5.72
C LEU B 523 42.36 -44.29 -5.65
N SER B 524 42.95 -45.07 -4.75
CA SER B 524 42.74 -46.51 -4.75
C SER B 524 41.32 -46.85 -4.32
N SER B 525 41.04 -48.15 -4.38
CA SER B 525 39.79 -48.75 -3.94
C SER B 525 39.37 -48.22 -2.58
N GLU B 526 40.08 -48.62 -1.52
CA GLU B 526 39.63 -48.34 -0.17
C GLU B 526 40.57 -47.47 0.64
N GLN B 527 41.68 -46.99 0.06
CA GLN B 527 42.32 -45.86 0.72
C GLN B 527 41.47 -44.60 0.63
N ALA B 528 40.32 -44.69 -0.08
CA ALA B 528 39.30 -43.67 -0.05
C ALA B 528 38.39 -43.81 1.17
N GLU B 529 38.06 -45.04 1.55
CA GLU B 529 37.27 -45.26 2.77
C GLU B 529 38.00 -44.79 4.02
N ASP B 530 39.32 -45.00 4.06
CA ASP B 530 40.12 -44.47 5.16
C ASP B 530 39.96 -42.96 5.26
N LEU B 531 40.01 -42.27 4.12
CA LEU B 531 39.80 -40.82 4.10
C LEU B 531 38.32 -40.49 4.29
N LEU B 532 37.43 -41.24 3.63
CA LEU B 532 36.00 -40.95 3.72
C LEU B 532 35.49 -41.13 5.13
N ALA B 533 35.92 -42.21 5.81
CA ALA B 533 35.49 -42.44 7.19
C ALA B 533 36.03 -41.37 8.12
N TRP B 534 37.24 -40.88 7.85
CA TRP B 534 37.82 -39.79 8.62
C TRP B 534 37.05 -38.49 8.44
N MET B 535 36.24 -38.39 7.39
CA MET B 535 35.59 -37.12 7.07
C MET B 535 34.35 -36.87 7.93
N ARG B 536 33.49 -37.87 8.08
CA ARG B 536 32.30 -37.67 8.91
C ARG B 536 32.67 -37.24 10.33
N ASN B 537 33.77 -37.77 10.86
CA ASN B 537 34.17 -37.46 12.23
C ASN B 537 34.50 -35.99 12.41
N ALA B 538 34.98 -35.33 11.36
CA ALA B 538 35.31 -33.91 11.42
C ALA B 538 34.20 -33.01 10.89
N LEU B 539 33.09 -33.59 10.42
CA LEU B 539 31.91 -32.82 10.00
C LEU B 539 30.63 -33.49 10.52
N VAL B 540 30.63 -33.87 11.80
CA VAL B 540 29.50 -34.64 12.32
C VAL B 540 28.21 -33.82 12.31
N GLN B 541 28.32 -32.50 12.40
CA GLN B 541 27.16 -31.64 12.58
C GLN B 541 26.47 -31.30 11.26
N ARG B 542 27.24 -30.90 10.25
CA ARG B 542 26.69 -30.29 9.04
C ARG B 542 26.13 -31.34 8.08
N VAL B 543 27.00 -31.97 7.28
CA VAL B 543 26.54 -32.98 6.35
C VAL B 543 26.20 -34.26 7.11
N THR B 544 25.46 -35.14 6.44
CA THR B 544 25.17 -36.47 6.96
C THR B 544 25.62 -37.58 6.03
N ASN B 545 25.42 -37.41 4.72
CA ASN B 545 25.83 -38.40 3.72
C ASN B 545 27.01 -37.85 2.94
N ILE B 546 28.03 -38.70 2.75
CA ILE B 546 29.25 -38.34 2.03
C ILE B 546 29.54 -39.49 1.07
N LYS B 547 29.21 -39.30 -0.21
CA LYS B 547 29.35 -40.34 -1.21
C LYS B 547 30.69 -40.16 -1.95
N VAL B 548 30.88 -40.94 -3.01
CA VAL B 548 32.03 -40.82 -3.91
C VAL B 548 31.53 -41.03 -5.32
N THR B 549 31.74 -40.05 -6.19
CA THR B 549 31.24 -40.10 -7.56
C THR B 549 32.34 -39.73 -8.54
N PRO B 550 32.27 -40.25 -9.78
CA PRO B 550 33.21 -39.87 -10.85
C PRO B 550 33.30 -38.35 -11.05
N LEU B 552 32.90 -35.52 -11.87
CA LEU B 552 33.12 -34.18 -11.29
C LEU B 552 34.20 -33.43 -12.06
N ASP B 553 35.21 -34.18 -12.51
CA ASP B 553 36.36 -33.67 -13.26
C ASP B 553 37.18 -32.67 -12.44
N THR B 554 36.93 -31.38 -12.65
CA THR B 554 37.78 -30.34 -12.10
C THR B 554 37.51 -30.04 -10.63
N HIS B 555 36.36 -30.43 -10.12
CA HIS B 555 36.01 -30.08 -8.74
C HIS B 555 36.38 -31.21 -7.80
N PRO B 556 37.00 -30.93 -6.64
CA PRO B 556 37.23 -32.02 -5.67
C PRO B 556 35.94 -32.56 -5.08
N ALA B 557 34.98 -31.69 -4.75
CA ALA B 557 33.71 -32.14 -4.20
C ALA B 557 32.60 -31.20 -4.62
N MET B 558 31.36 -31.67 -4.49
CA MET B 558 30.18 -30.85 -4.70
C MET B 558 29.13 -31.20 -3.66
N ILE B 559 28.12 -30.34 -3.53
CA ILE B 559 27.02 -30.54 -2.59
C ILE B 559 25.74 -30.80 -3.37
N THR B 560 24.90 -31.70 -2.86
CA THR B 560 23.59 -31.97 -3.40
C THR B 560 22.58 -32.04 -2.25
N VAL B 561 21.34 -31.71 -2.55
CA VAL B 561 20.27 -31.67 -1.56
C VAL B 561 19.09 -32.49 -2.06
N LEU B 562 18.44 -33.21 -1.15
CA LEU B 562 17.37 -34.13 -1.53
C LEU B 562 16.02 -33.45 -1.65
N GLU B 563 15.77 -32.43 -0.84
CA GLU B 563 14.52 -31.67 -0.90
C GLU B 563 14.83 -30.20 -1.03
N MET B 564 14.31 -29.56 -2.08
CA MET B 564 14.49 -28.13 -2.22
C MET B 564 13.68 -27.35 -1.20
N GLY B 565 12.65 -27.98 -0.61
CA GLY B 565 11.92 -27.32 0.44
C GLY B 565 12.75 -27.10 1.69
N ALA B 566 13.56 -28.10 2.05
CA ALA B 566 14.49 -27.96 3.18
C ALA B 566 15.72 -27.16 2.82
N ALA B 567 16.00 -26.94 1.53
CA ALA B 567 17.13 -26.13 1.12
C ALA B 567 16.75 -24.67 0.88
N ARG B 568 15.54 -24.42 0.40
CA ARG B 568 15.12 -23.04 0.16
C ARG B 568 15.05 -22.21 1.43
N HIS B 569 14.89 -22.84 2.59
CA HIS B 569 14.80 -22.11 3.85
C HIS B 569 15.96 -22.46 4.78
N PHE B 570 16.92 -23.26 4.30
CA PHE B 570 18.28 -23.14 4.80
C PHE B 570 18.89 -21.79 4.39
N LEU B 571 18.27 -21.09 3.45
CA LEU B 571 18.81 -19.85 2.89
C LEU B 571 18.14 -18.60 3.46
N ARG B 572 17.22 -18.74 4.41
CA ARG B 572 16.55 -17.57 5.00
C ARG B 572 17.37 -16.94 6.14
N LEU B 587 20.13 -28.38 7.90
CA LEU B 587 20.18 -28.79 6.50
C LEU B 587 20.64 -30.23 6.36
N GLN B 588 20.30 -30.86 5.23
CA GLN B 588 20.70 -32.22 4.91
C GLN B 588 21.49 -32.20 3.61
N PRO B 589 22.78 -31.86 3.67
CA PRO B 589 23.61 -31.88 2.46
C PRO B 589 24.29 -33.23 2.26
N THR B 590 24.49 -33.56 1.00
CA THR B 590 25.25 -34.72 0.58
C THR B 590 26.55 -34.24 -0.05
N LEU B 591 27.66 -34.79 0.41
CA LEU B 591 28.99 -34.35 -0.03
C LEU B 591 29.55 -35.44 -0.93
N GLU B 592 29.45 -35.24 -2.24
CA GLU B 592 30.00 -36.19 -3.19
C GLU B 592 31.41 -35.77 -3.58
N ILE B 593 32.26 -36.77 -3.84
CA ILE B 593 33.69 -36.58 -3.92
C ILE B 593 34.21 -37.35 -5.12
N ASN B 594 35.17 -36.76 -5.85
CA ASN B 594 35.87 -37.49 -6.91
C ASN B 594 37.26 -37.84 -6.40
N THR B 595 37.59 -39.14 -6.45
CA THR B 595 38.82 -39.62 -5.85
C THR B 595 40.04 -39.36 -6.71
N GLY B 596 39.87 -38.86 -7.92
CA GLY B 596 41.01 -38.51 -8.75
C GLY B 596 41.53 -37.10 -8.57
N HIS B 597 40.81 -36.23 -7.87
CA HIS B 597 41.25 -34.85 -7.73
C HIS B 597 42.47 -34.77 -6.82
N ASP B 598 43.38 -33.85 -7.15
CA ASP B 598 44.68 -33.79 -6.50
C ASP B 598 44.63 -33.11 -5.14
N LEU B 599 43.52 -32.48 -4.77
CA LEU B 599 43.34 -32.00 -3.42
C LEU B 599 42.73 -33.05 -2.49
N ILE B 600 42.18 -34.11 -3.04
CA ILE B 600 41.57 -35.16 -2.23
C ILE B 600 42.53 -36.32 -2.02
N LYS B 601 43.25 -36.72 -3.06
CA LYS B 601 44.45 -37.53 -2.83
C LYS B 601 45.42 -36.80 -1.92
N LYS B 602 45.41 -35.47 -1.94
CA LYS B 602 46.20 -34.71 -0.99
C LYS B 602 45.59 -34.76 0.40
N LEU B 603 44.27 -34.56 0.49
CA LEU B 603 43.59 -34.65 1.78
C LEU B 603 43.76 -36.02 2.40
N HIS B 604 43.73 -37.08 1.58
CA HIS B 604 43.97 -38.42 2.07
C HIS B 604 45.32 -38.54 2.77
N ALA B 605 46.33 -37.79 2.32
CA ALA B 605 47.67 -37.94 2.87
C ALA B 605 47.80 -37.21 4.21
N LEU B 606 47.49 -35.91 4.23
CA LEU B 606 47.84 -35.09 5.40
C LEU B 606 47.04 -35.46 6.65
N LYS B 607 45.91 -36.15 6.51
CA LYS B 607 45.07 -36.47 7.66
C LYS B 607 45.84 -37.22 8.74
N ASP B 608 46.87 -37.98 8.36
CA ASP B 608 47.80 -38.56 9.32
C ASP B 608 49.13 -37.82 9.38
N SER B 609 49.45 -37.02 8.36
CA SER B 609 50.71 -36.29 8.28
C SER B 609 50.64 -35.00 9.07
N ASN B 610 50.00 -33.99 8.50
CA ASN B 610 49.75 -32.73 9.19
C ASN B 610 48.26 -32.67 9.48
N PRO B 611 47.80 -33.22 10.61
CA PRO B 611 46.34 -33.28 10.84
C PRO B 611 45.70 -31.92 11.06
N GLU B 612 46.44 -30.95 11.61
CA GLU B 612 45.91 -29.60 11.71
C GLU B 612 45.70 -29.01 10.32
N LEU B 613 46.72 -29.14 9.45
CA LEU B 613 46.59 -28.68 8.08
C LEU B 613 45.49 -29.45 7.35
N ALA B 614 45.33 -30.73 7.66
CA ALA B 614 44.34 -31.55 6.96
C ALA B 614 42.91 -31.21 7.32
N GLN B 615 42.66 -30.57 8.46
CA GLN B 615 41.29 -30.15 8.71
C GLN B 615 41.02 -28.75 8.16
N LEU B 616 42.02 -27.86 8.20
CA LEU B 616 41.89 -26.60 7.48
C LEU B 616 41.56 -26.86 6.01
N LEU B 617 42.28 -27.79 5.39
CA LEU B 617 42.00 -28.12 4.00
C LEU B 617 40.60 -28.71 3.85
N LEU B 618 40.18 -29.53 4.82
CA LEU B 618 38.85 -30.13 4.78
C LEU B 618 37.75 -29.07 4.80
N GLU B 619 37.77 -28.19 5.79
CA GLU B 619 36.76 -27.13 5.85
C GLU B 619 36.71 -26.36 4.53
N GLN B 620 37.85 -26.13 3.91
CA GLN B 620 37.86 -25.34 2.69
C GLN B 620 37.20 -26.07 1.54
N ILE B 621 37.49 -27.37 1.39
CA ILE B 621 36.87 -28.17 0.33
C ILE B 621 35.35 -28.21 0.54
N TYR B 622 34.93 -28.31 1.80
CA TYR B 622 33.49 -28.25 2.09
C TYR B 622 32.91 -26.87 1.75
N ASP B 623 33.50 -25.81 2.29
CA ASP B 623 32.98 -24.47 2.03
C ASP B 623 33.04 -24.16 0.54
N ASN B 624 34.13 -24.50 -0.14
CA ASN B 624 34.21 -24.27 -1.57
C ASN B 624 33.07 -25.01 -2.29
N ALA B 625 32.73 -26.21 -1.82
CA ALA B 625 31.64 -26.95 -2.44
C ALA B 625 30.29 -26.30 -2.14
N MET B 626 30.11 -25.78 -0.92
CA MET B 626 28.87 -25.10 -0.59
C MET B 626 28.68 -23.84 -1.42
N ILE B 627 29.76 -23.13 -1.72
CA ILE B 627 29.68 -21.94 -2.57
C ILE B 627 29.33 -22.33 -4.00
N ALA B 628 29.96 -23.38 -4.52
CA ALA B 628 29.68 -23.81 -5.89
C ALA B 628 28.21 -24.17 -6.08
N ALA B 629 27.54 -24.61 -5.02
CA ALA B 629 26.13 -24.98 -5.07
C ALA B 629 25.19 -23.83 -4.72
N GLY B 630 25.72 -22.62 -4.55
CA GLY B 630 24.87 -21.49 -4.22
C GLY B 630 24.22 -21.54 -2.86
N LEU B 631 24.60 -22.49 -2.00
CA LEU B 631 24.06 -22.57 -0.66
C LEU B 631 24.79 -21.66 0.32
N ASN B 632 25.95 -21.12 -0.07
CA ASN B 632 26.67 -20.10 0.69
C ASN B 632 27.09 -19.02 -0.30
N GLU B 633 26.42 -17.87 -0.25
CA GLU B 633 26.71 -16.79 -1.18
C GLU B 633 27.44 -15.62 -0.54
N ASP B 634 27.58 -15.61 0.79
CA ASP B 634 28.35 -14.61 1.52
C ASP B 634 29.43 -15.37 2.29
N PRO B 635 30.60 -15.56 1.70
CA PRO B 635 31.62 -16.42 2.34
C PRO B 635 32.48 -15.69 3.36
N ARG B 636 32.03 -14.57 3.89
CA ARG B 636 32.84 -13.84 4.85
C ARG B 636 33.28 -14.68 6.03
N PRO B 637 32.49 -15.61 6.57
CA PRO B 637 32.96 -16.39 7.74
C PRO B 637 34.17 -17.29 7.46
N MET B 638 34.46 -17.66 6.21
CA MET B 638 35.59 -18.56 5.97
C MET B 638 36.93 -17.83 5.89
N ILE B 639 36.91 -16.51 5.66
CA ILE B 639 38.07 -15.84 5.09
C ILE B 639 39.28 -15.92 6.02
N SER B 640 39.09 -15.60 7.30
CA SER B 640 40.20 -15.66 8.25
C SER B 640 40.79 -17.07 8.30
N ARG B 641 39.94 -18.09 8.26
CA ARG B 641 40.44 -19.46 8.27
C ARG B 641 41.19 -19.78 6.99
N LEU B 642 40.60 -19.44 5.83
CA LEU B 642 41.31 -19.64 4.57
C LEU B 642 42.69 -18.99 4.60
N ASN B 643 42.78 -17.78 5.14
CA ASN B 643 44.08 -17.10 5.24
C ASN B 643 45.05 -17.90 6.10
N GLN B 644 44.55 -18.56 7.16
CA GLN B 644 45.40 -19.46 7.94
C GLN B 644 45.86 -20.64 7.10
N LEU B 645 44.91 -21.37 6.51
CA LEU B 645 45.24 -22.46 5.60
C LEU B 645 46.28 -22.05 4.57
N LEU B 646 46.08 -20.90 3.92
CA LEU B 646 47.05 -20.44 2.93
C LEU B 646 48.42 -20.20 3.57
N THR B 647 48.44 -19.57 4.74
CA THR B 647 49.70 -19.27 5.42
C THR B 647 50.41 -20.54 5.88
N ARG B 648 49.65 -21.58 6.23
CA ARG B 648 50.29 -22.82 6.65
C ARG B 648 50.70 -23.68 5.46
N ALA B 649 49.94 -23.64 4.37
CA ALA B 649 50.30 -24.39 3.17
C ALA B 649 51.60 -23.89 2.54
N LEU B 650 51.95 -22.63 2.76
CA LEU B 650 53.12 -21.99 2.13
C LEU B 650 54.25 -21.93 3.14
N GLU B 651 55.16 -22.90 3.07
CA GLU B 651 56.33 -22.93 3.95
C GLU B 651 57.54 -23.50 3.20
#